data_5JVA
#
_entry.id   5JVA
#
_cell.length_a   162.210
_cell.length_b   162.210
_cell.length_c   76.150
_cell.angle_alpha   90.00
_cell.angle_beta   90.00
_cell.angle_gamma   90.00
#
_symmetry.space_group_name_H-M   'I 41'
#
loop_
_entity.id
_entity.type
_entity.pdbx_description
1 polymer TagRFP-T
2 non-polymer BETA-MERCAPTOETHANOL
3 non-polymer 'SULFATE ION'
4 water water
#
_entity_poly.entity_id   1
_entity_poly.type   'polypeptide(L)'
_entity_poly.pdbx_seq_one_letter_code
;GEELIKENMHMKLYMEGTVNNHHFKCTSEGEGKPYEGTQTMRIKVVEGGPLPFAFDILATSF(NRQ)SRTFINHTQGIPD
FFKQSFPEGFTWERVTTYEDGGVLTATQDTSLQDGCLIYNVKIRGVNFPSNGPVMQKKTLGWEANTEMLYPADGGLEGRT
DMALKLVGGGHLICNFKTTYRSKKPAKNLKMPGVYYVDHRLERIKEADKETYVEQHEVAVARYCDLPSKLGHKLNGMDEL
YK
;
_entity_poly.pdbx_strand_id   A,B,C,D
#
loop_
_chem_comp.id
_chem_comp.type
_chem_comp.name
_chem_comp.formula
BME non-polymer BETA-MERCAPTOETHANOL 'C2 H6 O S'
SO4 non-polymer 'SULFATE ION' 'O4 S -2'
#
# COMPACT_ATOMS: atom_id res chain seq x y z
N GLY A 1 -6.56 -5.93 -38.81
CA GLY A 1 -6.50 -6.19 -37.34
C GLY A 1 -7.86 -6.11 -36.64
N GLU A 2 -8.47 -4.93 -36.67
CA GLU A 2 -9.87 -4.81 -36.30
C GLU A 2 -10.77 -5.71 -37.19
N GLU A 3 -10.41 -5.90 -38.46
CA GLU A 3 -11.22 -6.75 -39.38
C GLU A 3 -11.29 -8.23 -38.95
N LEU A 4 -10.22 -8.71 -38.32
CA LEU A 4 -10.17 -10.04 -37.70
C LEU A 4 -11.17 -10.25 -36.53
N ILE A 5 -11.53 -9.16 -35.85
CA ILE A 5 -12.54 -9.21 -34.84
C ILE A 5 -13.92 -8.92 -35.45
N LYS A 6 -14.73 -9.97 -35.49
CA LYS A 6 -16.05 -10.00 -36.12
C LYS A 6 -17.03 -9.57 -35.10
N GLU A 7 -18.25 -9.36 -35.58
CA GLU A 7 -19.37 -8.99 -34.75
C GLU A 7 -19.75 -10.00 -33.68
N ASN A 8 -19.47 -11.29 -33.91
CA ASN A 8 -19.75 -12.37 -32.97
C ASN A 8 -18.46 -13.14 -32.88
N MET A 9 -17.98 -13.41 -31.67
CA MET A 9 -16.70 -14.16 -31.47
C MET A 9 -16.89 -15.17 -30.32
N HIS A 10 -16.15 -16.28 -30.42
CA HIS A 10 -16.13 -17.32 -29.41
C HIS A 10 -14.83 -17.23 -28.66
N MET A 11 -14.79 -17.80 -27.46
CA MET A 11 -13.55 -17.79 -26.67
C MET A 11 -13.39 -19.12 -26.03
N LYS A 12 -12.14 -19.47 -25.78
CA LYS A 12 -11.77 -20.63 -25.00
C LYS A 12 -10.65 -20.23 -24.06
N LEU A 13 -10.69 -20.78 -22.83
CA LEU A 13 -9.74 -20.37 -21.78
C LEU A 13 -9.24 -21.54 -20.93
N TYR A 14 -7.97 -21.45 -20.54
CA TYR A 14 -7.33 -22.31 -19.60
C TYR A 14 -6.79 -21.35 -18.44
N MET A 15 -7.07 -21.74 -17.20
CA MET A 15 -6.53 -21.06 -16.00
C MET A 15 -5.87 -22.07 -15.07
N GLU A 16 -4.69 -21.76 -14.56
CA GLU A 16 -4.17 -22.51 -13.38
C GLU A 16 -3.54 -21.54 -12.36
N GLY A 17 -3.53 -21.93 -11.11
CA GLY A 17 -2.87 -21.13 -10.13
C GLY A 17 -2.99 -21.69 -8.75
N THR A 18 -2.67 -20.80 -7.80
CA THR A 18 -2.80 -21.01 -6.40
C THR A 18 -3.39 -19.84 -5.69
N VAL A 19 -4.18 -20.12 -4.69
CA VAL A 19 -4.59 -19.15 -3.73
C VAL A 19 -4.33 -19.73 -2.33
N ASN A 20 -3.60 -18.91 -1.59
CA ASN A 20 -2.94 -19.26 -0.38
C ASN A 20 -1.97 -20.42 -0.71
N ASN A 21 -2.44 -21.62 -0.46
CA ASN A 21 -1.68 -22.82 -0.77
C ASN A 21 -2.59 -23.82 -1.48
N HIS A 22 -3.76 -23.40 -2.01
CA HIS A 22 -4.62 -24.32 -2.67
C HIS A 22 -4.44 -24.19 -4.14
N HIS A 23 -3.99 -25.28 -4.77
CA HIS A 23 -3.82 -25.33 -6.24
C HIS A 23 -5.15 -25.65 -6.95
N PHE A 24 -5.32 -25.12 -8.15
CA PHE A 24 -6.56 -25.32 -8.92
C PHE A 24 -6.29 -25.11 -10.44
N LYS A 25 -7.17 -25.67 -11.27
CA LYS A 25 -7.28 -25.30 -12.68
C LYS A 25 -8.73 -25.11 -13.08
N CYS A 26 -8.94 -24.24 -14.05
CA CYS A 26 -10.23 -23.97 -14.64
C CYS A 26 -10.14 -24.03 -16.16
N THR A 27 -11.27 -24.28 -16.74
CA THR A 27 -11.44 -24.18 -18.16
C THR A 27 -12.75 -23.44 -18.42
N SER A 28 -12.81 -22.73 -19.53
CA SER A 28 -14.02 -22.08 -19.92
C SER A 28 -14.15 -21.89 -21.42
N GLU A 29 -15.39 -21.73 -21.82
CA GLU A 29 -15.79 -21.45 -23.17
C GLU A 29 -16.89 -20.41 -23.12
N GLY A 30 -16.92 -19.56 -24.11
CA GLY A 30 -17.88 -18.51 -24.15
C GLY A 30 -18.05 -17.84 -25.49
N GLU A 31 -18.89 -16.83 -25.52
CA GLU A 31 -19.10 -16.08 -26.74
C GLU A 31 -19.58 -14.66 -26.42
N GLY A 32 -19.38 -13.76 -27.34
CA GLY A 32 -19.78 -12.38 -27.19
C GLY A 32 -19.84 -11.57 -28.46
N LYS A 33 -20.23 -10.32 -28.30
CA LYS A 33 -20.29 -9.36 -29.37
C LYS A 33 -19.26 -8.27 -29.01
N PRO A 34 -18.11 -8.31 -29.63
CA PRO A 34 -17.01 -7.43 -29.26
C PRO A 34 -17.35 -5.95 -29.38
N TYR A 35 -18.01 -5.56 -30.42
CA TYR A 35 -18.36 -4.17 -30.61
C TYR A 35 -19.44 -3.65 -29.67
N GLU A 36 -20.33 -4.53 -29.26
CA GLU A 36 -21.37 -4.19 -28.31
C GLU A 36 -20.91 -4.28 -26.85
N GLY A 37 -19.75 -4.84 -26.61
CA GLY A 37 -19.23 -4.96 -25.29
C GLY A 37 -19.88 -5.95 -24.35
N THR A 38 -20.47 -7.02 -24.87
CA THR A 38 -21.11 -8.03 -24.06
C THR A 38 -20.52 -9.42 -24.33
N GLN A 39 -20.43 -10.22 -23.30
CA GLN A 39 -19.93 -11.55 -23.39
C GLN A 39 -20.44 -12.42 -22.26
N THR A 40 -20.49 -13.70 -22.54
CA THR A 40 -20.89 -14.75 -21.60
C THR A 40 -19.78 -15.81 -21.57
N MET A 41 -19.42 -16.26 -20.36
CA MET A 41 -18.48 -17.34 -20.19
C MET A 41 -19.03 -18.38 -19.20
N ARG A 42 -18.91 -19.64 -19.60
CA ARG A 42 -19.29 -20.81 -18.83
C ARG A 42 -18.00 -21.50 -18.39
N ILE A 43 -17.83 -21.60 -17.07
CA ILE A 43 -16.55 -21.91 -16.48
C ILE A 43 -16.67 -23.19 -15.63
N LYS A 44 -15.67 -24.05 -15.76
CA LYS A 44 -15.48 -25.22 -14.95
C LYS A 44 -14.17 -25.21 -14.19
N VAL A 45 -14.33 -25.48 -12.89
CA VAL A 45 -13.21 -25.88 -12.06
C VAL A 45 -12.95 -27.39 -12.31
N VAL A 46 -11.86 -27.68 -12.97
CA VAL A 46 -11.51 -29.04 -13.41
C VAL A 46 -10.50 -29.70 -12.47
N GLU A 47 -9.87 -28.91 -11.61
CA GLU A 47 -8.98 -29.47 -10.60
C GLU A 47 -8.99 -28.60 -9.34
N GLY A 48 -9.19 -29.22 -8.17
CA GLY A 48 -9.03 -28.57 -6.90
C GLY A 48 -10.33 -28.11 -6.39
N GLY A 49 -11.42 -28.47 -7.04
CA GLY A 49 -12.73 -28.18 -6.56
C GLY A 49 -13.20 -29.21 -5.54
N PRO A 50 -14.07 -28.84 -4.62
CA PRO A 50 -14.57 -27.49 -4.46
C PRO A 50 -13.50 -26.56 -3.82
N LEU A 51 -13.37 -25.36 -4.38
CA LEU A 51 -12.37 -24.39 -3.94
C LEU A 51 -12.73 -23.98 -2.54
N PRO A 52 -11.73 -23.86 -1.65
CA PRO A 52 -11.98 -23.33 -0.32
C PRO A 52 -12.09 -21.78 -0.20
N PHE A 53 -12.21 -21.09 -1.31
CA PHE A 53 -12.28 -19.64 -1.28
C PHE A 53 -13.38 -19.24 -2.26
N ALA A 54 -13.86 -18.04 -2.08
CA ALA A 54 -14.90 -17.47 -2.97
C ALA A 54 -14.44 -17.38 -4.41
N PHE A 55 -15.22 -17.98 -5.32
CA PHE A 55 -14.95 -17.88 -6.76
C PHE A 55 -14.93 -16.40 -7.24
N ASP A 56 -15.65 -15.53 -6.55
CA ASP A 56 -15.61 -14.11 -6.85
C ASP A 56 -14.18 -13.53 -7.07
N ILE A 57 -13.14 -14.02 -6.39
CA ILE A 57 -11.79 -13.42 -6.50
C ILE A 57 -11.15 -13.78 -7.76
N LEU A 58 -11.69 -14.77 -8.48
CA LEU A 58 -11.23 -15.17 -9.82
C LEU A 58 -12.01 -14.56 -10.99
N ALA A 59 -13.16 -13.98 -10.69
CA ALA A 59 -14.16 -13.55 -11.69
C ALA A 59 -13.59 -12.57 -12.68
N THR A 60 -12.78 -11.58 -12.26
CA THR A 60 -12.20 -10.64 -13.20
C THR A 60 -11.04 -11.13 -13.99
N SER A 61 -10.58 -12.36 -13.77
CA SER A 61 -9.51 -12.94 -14.51
C SER A 61 -9.98 -13.73 -15.74
N PHE A 62 -11.27 -14.08 -15.81
CA PHE A 62 -11.78 -14.74 -17.02
C PHE A 62 -11.95 -13.83 -18.24
N1 NRQ A 63 -12.39 -12.65 -18.25
N1 NRQ A 63 -12.28 -12.60 -18.02
CE NRQ A 63 -16.26 -13.85 -18.61
CE NRQ A 63 -17.67 -13.37 -19.23
SD NRQ A 63 -16.86 -12.49 -17.70
SD NRQ A 63 -16.96 -12.25 -18.08
CG1 NRQ A 63 -15.42 -11.45 -17.74
CG1 NRQ A 63 -15.22 -12.26 -18.43
CB1 NRQ A 63 -14.30 -12.08 -16.92
CB1 NRQ A 63 -14.41 -11.74 -17.24
CA1 NRQ A 63 -12.92 -11.79 -17.52
CA1 NRQ A 63 -12.92 -11.58 -17.55
C1 NRQ A 63 -12.33 -10.43 -17.27
C1 NRQ A 63 -12.24 -10.25 -17.27
N2 NRQ A 63 -13.13 -9.55 -16.58
N2 NRQ A 63 -12.79 -9.16 -16.56
OH NRQ A 63 -11.98 -2.32 -14.00
OH NRQ A 63 -16.27 -5.09 -12.99
CD2 NRQ A 63 -13.65 -5.42 -14.56
CD2 NRQ A 63 -12.89 -5.18 -14.43
CE2 NRQ A 63 -13.37 -4.13 -14.15
CE2 NRQ A 63 -13.98 -4.74 -13.69
CZ NRQ A 63 -12.17 -3.55 -14.46
CZ NRQ A 63 -15.17 -5.47 -13.70
CE1 NRQ A 63 -11.18 -4.22 -15.19
CE1 NRQ A 63 -15.26 -6.61 -14.44
CD1 NRQ A 63 -11.46 -5.51 -15.62
CD1 NRQ A 63 -14.18 -7.05 -15.17
CG2 NRQ A 63 -12.68 -6.10 -15.28
CG2 NRQ A 63 -13.00 -6.34 -15.17
CB2 NRQ A 63 -13.15 -7.43 -15.69
CB2 NRQ A 63 -11.85 -6.83 -15.94
CA2 NRQ A 63 -12.43 -8.44 -16.47
CA2 NRQ A 63 -11.81 -8.19 -16.55
C2 NRQ A 63 -11.17 -8.63 -17.20
C2 NRQ A 63 -10.69 -8.74 -17.27
O2 NRQ A 63 -10.20 -7.79 -17.38
O2 NRQ A 63 -9.55 -8.14 -17.48
N3 NRQ A 63 -11.13 -9.86 -17.69
N3 NRQ A 63 -10.96 -9.94 -17.68
CA3 NRQ A 63 -9.95 -10.39 -18.44
CA3 NRQ A 63 -9.95 -10.71 -18.42
C3 NRQ A 63 -10.09 -10.58 -19.95
C3 NRQ A 63 -10.14 -10.75 -19.94
O3 NRQ A 63 -9.09 -11.15 -20.51
O3 NRQ A 63 -9.16 -11.32 -20.52
N SER A 64 -11.24 -10.26 -20.44
CA SER A 64 -11.59 -10.52 -21.91
C SER A 64 -11.79 -9.19 -22.57
N ARG A 65 -10.67 -8.52 -22.78
CA ARG A 65 -10.63 -7.06 -23.09
C ARG A 65 -11.02 -6.73 -24.57
N THR A 66 -11.06 -7.74 -25.40
CA THR A 66 -11.53 -7.55 -26.79
C THR A 66 -13.00 -7.14 -26.82
N PHE A 67 -13.78 -7.40 -25.75
CA PHE A 67 -15.16 -7.23 -25.72
C PHE A 67 -15.53 -5.94 -25.00
N ILE A 68 -14.95 -4.80 -25.38
CA ILE A 68 -15.33 -3.52 -24.82
C ILE A 68 -15.92 -2.72 -25.99
N ASN A 69 -17.10 -2.15 -25.78
CA ASN A 69 -17.68 -1.16 -26.74
C ASN A 69 -16.99 0.18 -26.58
N HIS A 70 -16.12 0.48 -27.53
CA HIS A 70 -15.44 1.80 -27.54
C HIS A 70 -16.31 2.85 -28.21
N THR A 71 -16.97 3.68 -27.43
CA THR A 71 -17.73 4.73 -27.92
C THR A 71 -16.84 5.96 -28.27
N GLN A 72 -17.46 6.92 -28.94
CA GLN A 72 -16.86 8.23 -29.17
C GLN A 72 -15.59 8.20 -29.99
N GLY A 73 -15.34 7.16 -30.72
CA GLY A 73 -14.16 7.03 -31.50
C GLY A 73 -12.87 6.73 -30.78
N ILE A 74 -12.96 6.30 -29.52
CA ILE A 74 -11.75 5.96 -28.79
C ILE A 74 -10.99 4.85 -29.51
N PRO A 75 -9.73 5.08 -29.85
CA PRO A 75 -9.01 4.00 -30.50
C PRO A 75 -8.93 2.76 -29.60
N ASP A 76 -9.07 1.58 -30.18
CA ASP A 76 -9.29 0.31 -29.44
C ASP A 76 -7.97 -0.48 -29.43
N PHE A 77 -7.20 -0.38 -28.33
CA PHE A 77 -5.88 -0.93 -28.24
C PHE A 77 -5.91 -2.41 -28.41
N PHE A 78 -6.99 -3.04 -27.94
CA PHE A 78 -7.06 -4.48 -27.85
C PHE A 78 -7.43 -5.06 -29.19
N LYS A 79 -8.52 -4.55 -29.79
CA LYS A 79 -8.92 -4.99 -31.14
C LYS A 79 -7.83 -4.74 -32.20
N GLN A 80 -7.12 -3.62 -32.12
CA GLN A 80 -6.04 -3.25 -33.01
C GLN A 80 -4.87 -4.19 -32.90
N SER A 81 -4.72 -4.83 -31.76
CA SER A 81 -3.63 -5.75 -31.51
C SER A 81 -3.57 -7.02 -32.35
N PHE A 82 -4.67 -7.43 -32.91
CA PHE A 82 -4.72 -8.63 -33.71
C PHE A 82 -4.07 -8.43 -35.10
N PRO A 83 -3.47 -9.46 -35.66
CA PRO A 83 -3.57 -10.83 -35.20
C PRO A 83 -2.53 -11.21 -34.16
N GLU A 84 -1.59 -10.32 -33.87
CA GLU A 84 -0.54 -10.62 -32.92
C GLU A 84 -1.06 -10.93 -31.51
N GLY A 85 -2.04 -10.16 -31.07
CA GLY A 85 -2.62 -10.32 -29.77
C GLY A 85 -1.98 -9.46 -28.70
N PHE A 86 -2.34 -9.70 -27.45
CA PHE A 86 -1.85 -8.93 -26.33
C PHE A 86 -1.81 -9.72 -25.05
N THR A 87 -1.17 -9.13 -24.06
CA THR A 87 -1.11 -9.70 -22.75
C THR A 87 -1.52 -8.67 -21.69
N TRP A 88 -1.89 -9.18 -20.55
CA TRP A 88 -2.19 -8.33 -19.42
C TRP A 88 -1.64 -8.90 -18.13
N GLU A 89 -1.27 -8.02 -17.20
CA GLU A 89 -0.76 -8.38 -15.88
C GLU A 89 -1.43 -7.48 -14.83
N ARG A 90 -1.76 -8.04 -13.68
CA ARG A 90 -2.54 -7.32 -12.71
C ARG A 90 -2.14 -7.71 -11.31
N VAL A 91 -2.25 -6.74 -10.41
CA VAL A 91 -2.26 -7.03 -9.03
C VAL A 91 -3.47 -6.39 -8.38
N THR A 92 -4.20 -7.24 -7.67
CA THR A 92 -5.38 -6.88 -6.94
C THR A 92 -5.09 -6.99 -5.44
N THR A 93 -5.24 -5.91 -4.72
CA THR A 93 -5.03 -5.79 -3.28
C THR A 93 -6.29 -5.55 -2.56
N TYR A 94 -6.64 -6.50 -1.71
CA TYR A 94 -7.86 -6.42 -0.86
C TYR A 94 -7.59 -5.61 0.38
N GLU A 95 -8.53 -4.80 0.87
CA GLU A 95 -8.26 -4.04 2.06
C GLU A 95 -8.09 -4.84 3.36
N ASP A 96 -8.39 -6.15 3.38
CA ASP A 96 -8.04 -6.96 4.57
C ASP A 96 -6.78 -7.82 4.39
N GLY A 97 -5.99 -7.53 3.37
CA GLY A 97 -4.72 -8.19 3.22
C GLY A 97 -4.44 -9.09 2.07
N GLY A 98 -5.48 -9.71 1.50
CA GLY A 98 -5.27 -10.59 0.40
C GLY A 98 -4.69 -9.87 -0.81
N VAL A 99 -3.79 -10.56 -1.50
CA VAL A 99 -3.12 -10.00 -2.70
C VAL A 99 -3.16 -11.02 -3.77
N LEU A 100 -3.77 -10.71 -4.91
CA LEU A 100 -3.88 -11.67 -6.01
C LEU A 100 -3.20 -11.14 -7.27
N THR A 101 -2.11 -11.75 -7.70
CA THR A 101 -1.53 -11.43 -8.99
C THR A 101 -2.02 -12.35 -10.14
N ALA A 102 -2.15 -11.77 -11.33
CA ALA A 102 -2.68 -12.55 -12.47
C ALA A 102 -1.98 -12.09 -13.71
N THR A 103 -1.62 -13.04 -14.59
CA THR A 103 -1.01 -12.76 -15.86
C THR A 103 -1.78 -13.55 -16.87
N GLN A 104 -1.91 -12.96 -18.05
CA GLN A 104 -2.81 -13.51 -19.08
C GLN A 104 -2.25 -13.27 -20.47
N ASP A 105 -2.40 -14.28 -21.32
CA ASP A 105 -2.01 -14.19 -22.71
C ASP A 105 -3.28 -14.33 -23.55
N THR A 106 -3.48 -13.40 -24.49
CA THR A 106 -4.63 -13.45 -25.37
C THR A 106 -4.14 -13.64 -26.78
N SER A 107 -4.64 -14.67 -27.45
CA SER A 107 -4.29 -14.95 -28.87
C SER A 107 -5.54 -15.22 -29.73
N LEU A 108 -5.39 -15.06 -31.06
CA LEU A 108 -6.45 -15.39 -32.02
C LEU A 108 -5.93 -16.60 -32.81
N GLN A 109 -6.67 -17.70 -32.78
CA GLN A 109 -6.25 -18.97 -33.40
C GLN A 109 -7.43 -19.57 -34.11
N ASP A 110 -7.38 -19.58 -35.43
CA ASP A 110 -8.51 -20.05 -36.30
C ASP A 110 -9.80 -19.33 -35.99
N GLY A 111 -9.75 -18.01 -35.93
CA GLY A 111 -10.87 -17.19 -35.53
C GLY A 111 -11.47 -17.42 -34.15
N CYS A 112 -10.78 -18.16 -33.27
CA CYS A 112 -11.21 -18.28 -31.90
C CYS A 112 -10.26 -17.51 -30.99
N LEU A 113 -10.82 -16.78 -30.02
CA LEU A 113 -9.99 -16.09 -28.99
C LEU A 113 -9.58 -17.12 -27.97
N ILE A 114 -8.30 -17.18 -27.68
CA ILE A 114 -7.68 -18.13 -26.79
C ILE A 114 -7.03 -17.37 -25.63
N TYR A 115 -7.51 -17.67 -24.43
CA TYR A 115 -6.99 -17.06 -23.18
C TYR A 115 -6.20 -18.11 -22.35
N ASN A 116 -4.99 -17.77 -21.93
CA ASN A 116 -4.26 -18.61 -20.99
C ASN A 116 -3.93 -17.72 -19.78
N VAL A 117 -4.43 -18.08 -18.62
CA VAL A 117 -4.42 -17.24 -17.41
C VAL A 117 -3.66 -17.97 -16.26
N LYS A 118 -2.84 -17.24 -15.50
CA LYS A 118 -2.07 -17.80 -14.36
C LYS A 118 -2.34 -16.92 -13.16
N ILE A 119 -2.69 -17.53 -12.02
CA ILE A 119 -3.17 -16.84 -10.86
C ILE A 119 -2.20 -17.16 -9.68
N ARG A 120 -1.84 -16.17 -8.87
CA ARG A 120 -1.19 -16.44 -7.61
C ARG A 120 -1.70 -15.48 -6.54
N GLY A 121 -2.50 -15.98 -5.63
CA GLY A 121 -3.07 -15.26 -4.53
C GLY A 121 -2.47 -15.66 -3.18
N VAL A 122 -2.05 -14.67 -2.39
CA VAL A 122 -1.41 -14.92 -1.11
C VAL A 122 -1.91 -14.01 0.04
N ASN A 123 -1.80 -14.33 1.26
N ASN A 123 -1.87 -14.49 1.20
CA ASN A 123 -2.16 -13.44 2.38
CA ASN A 123 -2.16 -13.82 2.44
C ASN A 123 -3.70 -13.28 2.52
C ASN A 123 -3.64 -13.40 2.55
N PHE A 124 -4.63 -14.23 1.78
CA PHE A 124 -5.96 -13.97 2.23
C PHE A 124 -6.14 -14.41 3.69
N PRO A 125 -6.84 -13.65 4.53
CA PRO A 125 -6.98 -14.06 5.92
C PRO A 125 -7.79 -15.34 5.97
N SER A 126 -7.34 -16.28 6.77
CA SER A 126 -7.98 -17.60 6.77
C SER A 126 -9.33 -17.51 7.45
N ASN A 127 -9.58 -16.47 8.23
CA ASN A 127 -10.90 -16.29 8.75
C ASN A 127 -11.69 -15.10 8.16
N GLY A 128 -11.24 -14.61 7.01
CA GLY A 128 -11.96 -13.51 6.40
C GLY A 128 -13.05 -13.99 5.45
N PRO A 129 -13.78 -13.08 4.85
CA PRO A 129 -14.92 -13.46 3.99
C PRO A 129 -14.64 -14.22 2.68
N VAL A 130 -13.44 -14.02 2.09
CA VAL A 130 -13.05 -14.77 0.92
C VAL A 130 -12.83 -16.23 1.28
N MET A 131 -12.08 -16.47 2.34
CA MET A 131 -11.74 -17.88 2.70
C MET A 131 -12.92 -18.60 3.36
N GLN A 132 -13.89 -17.85 3.88
CA GLN A 132 -15.12 -18.40 4.53
C GLN A 132 -16.39 -18.26 3.67
N LYS A 133 -16.18 -17.81 2.44
CA LYS A 133 -17.18 -17.85 1.36
C LYS A 133 -18.42 -17.08 1.72
N LYS A 134 -18.22 -15.90 2.24
CA LYS A 134 -19.27 -14.98 2.58
C LYS A 134 -19.52 -13.86 1.55
N THR A 135 -19.24 -14.13 0.28
CA THR A 135 -19.31 -13.05 -0.75
C THR A 135 -20.48 -13.25 -1.68
N LEU A 136 -20.98 -12.17 -2.21
CA LEU A 136 -22.17 -12.21 -3.09
C LEU A 136 -21.99 -11.43 -4.37
N GLY A 137 -20.83 -11.49 -4.97
CA GLY A 137 -20.68 -10.87 -6.30
C GLY A 137 -20.21 -9.40 -6.18
N TRP A 138 -19.94 -8.78 -7.33
CA TRP A 138 -19.29 -7.48 -7.42
C TRP A 138 -20.26 -6.39 -7.76
N GLU A 139 -20.00 -5.20 -7.25
CA GLU A 139 -20.71 -4.05 -7.73
C GLU A 139 -20.12 -3.66 -9.08
N ALA A 140 -20.89 -2.86 -9.83
CA ALA A 140 -20.39 -2.24 -11.04
C ALA A 140 -19.22 -1.29 -10.70
N ASN A 141 -18.35 -1.05 -11.67
CA ASN A 141 -17.19 -0.22 -11.48
C ASN A 141 -16.75 0.50 -12.74
N THR A 142 -16.01 1.61 -12.54
CA THR A 142 -15.40 2.38 -13.60
C THR A 142 -13.90 2.25 -13.51
N GLU A 143 -13.29 1.77 -14.55
CA GLU A 143 -11.87 1.71 -14.69
C GLU A 143 -11.36 2.96 -15.50
N MET A 144 -10.21 3.49 -15.11
CA MET A 144 -9.51 4.53 -15.83
C MET A 144 -8.37 3.89 -16.53
N LEU A 145 -8.24 4.17 -17.84
CA LEU A 145 -7.15 3.66 -18.61
C LEU A 145 -6.38 4.87 -19.14
N TYR A 146 -5.05 4.75 -19.18
CA TYR A 146 -4.19 5.81 -19.67
C TYR A 146 -2.94 5.17 -20.33
N PRO A 147 -2.34 5.87 -21.30
CA PRO A 147 -1.12 5.34 -21.90
C PRO A 147 0.08 5.45 -20.96
N ALA A 148 0.96 4.45 -21.02
CA ALA A 148 2.25 4.41 -20.27
C ALA A 148 3.21 3.37 -20.97
N ASP A 149 4.46 3.73 -21.22
CA ASP A 149 5.51 2.77 -21.74
C ASP A 149 5.17 2.06 -23.08
N GLY A 150 4.52 2.73 -24.03
CA GLY A 150 3.95 2.01 -25.23
C GLY A 150 2.75 1.05 -25.01
N GLY A 151 2.27 0.90 -23.76
CA GLY A 151 1.06 0.13 -23.43
C GLY A 151 0.04 1.01 -22.73
N LEU A 152 -0.94 0.34 -22.09
CA LEU A 152 -1.96 1.05 -21.30
C LEU A 152 -1.83 0.53 -19.90
N GLU A 153 -2.12 1.39 -18.96
CA GLU A 153 -2.36 0.96 -17.63
C GLU A 153 -3.82 1.22 -17.29
N GLY A 154 -4.33 0.43 -16.36
CA GLY A 154 -5.66 0.62 -15.83
C GLY A 154 -5.65 0.69 -14.33
N ARG A 155 -6.56 1.47 -13.75
CA ARG A 155 -6.74 1.57 -12.30
C ARG A 155 -8.24 1.48 -12.00
N THR A 156 -8.60 0.66 -11.03
CA THR A 156 -9.98 0.70 -10.52
C THR A 156 -10.02 0.27 -9.10
N ASP A 157 -11.12 0.61 -8.44
CA ASP A 157 -11.51 0.11 -7.14
C ASP A 157 -12.80 -0.71 -7.37
N MET A 158 -12.88 -1.88 -6.80
CA MET A 158 -14.05 -2.73 -6.91
C MET A 158 -14.55 -3.09 -5.51
N ALA A 159 -15.88 -3.22 -5.38
CA ALA A 159 -16.51 -3.47 -4.10
C ALA A 159 -17.16 -4.84 -4.21
N LEU A 160 -16.73 -5.75 -3.33
CA LEU A 160 -17.22 -7.13 -3.28
C LEU A 160 -18.29 -7.20 -2.21
N LYS A 161 -19.47 -7.58 -2.64
CA LYS A 161 -20.64 -7.59 -1.73
C LYS A 161 -20.52 -8.79 -0.74
N LEU A 162 -20.88 -8.55 0.52
CA LEU A 162 -20.77 -9.54 1.58
C LEU A 162 -22.15 -9.92 2.04
N VAL A 163 -22.24 -11.16 2.51
CA VAL A 163 -23.44 -11.59 3.21
C VAL A 163 -23.70 -10.70 4.37
N GLY A 164 -24.93 -10.23 4.48
CA GLY A 164 -25.31 -9.29 5.55
C GLY A 164 -25.37 -7.84 5.11
N GLY A 165 -24.84 -7.50 3.94
CA GLY A 165 -25.02 -6.16 3.43
C GLY A 165 -23.79 -5.34 3.21
N GLY A 166 -22.67 -5.71 3.82
CA GLY A 166 -21.47 -4.89 3.59
C GLY A 166 -20.70 -5.10 2.28
N HIS A 167 -19.51 -4.52 2.27
CA HIS A 167 -18.59 -4.63 1.21
C HIS A 167 -17.15 -4.75 1.74
N LEU A 168 -16.34 -5.44 0.96
CA LEU A 168 -14.89 -5.51 1.10
C LEU A 168 -14.36 -4.89 -0.17
N ILE A 169 -13.45 -3.91 -0.05
CA ILE A 169 -13.01 -3.18 -1.18
C ILE A 169 -11.65 -3.74 -1.64
N CYS A 170 -11.42 -3.78 -2.94
CA CYS A 170 -10.11 -4.09 -3.43
C CYS A 170 -9.78 -3.04 -4.49
N ASN A 171 -8.51 -2.99 -4.83
CA ASN A 171 -7.92 -2.02 -5.79
C ASN A 171 -7.12 -2.84 -6.77
N PHE A 172 -7.23 -2.55 -8.06
CA PHE A 172 -6.63 -3.19 -9.22
CA PHE A 172 -6.32 -3.16 -8.94
C PHE A 172 -5.63 -2.27 -9.93
N LYS A 173 -4.39 -2.69 -10.18
CA LYS A 173 -3.45 -2.01 -11.04
C LYS A 173 -3.12 -2.99 -12.18
N THR A 174 -3.48 -2.63 -13.42
CA THR A 174 -3.31 -3.49 -14.58
C THR A 174 -2.36 -2.84 -15.59
N THR A 175 -1.50 -3.63 -16.19
CA THR A 175 -0.74 -3.22 -17.35
C THR A 175 -1.16 -4.08 -18.52
N TYR A 176 -1.52 -3.42 -19.61
CA TYR A 176 -1.91 -4.10 -20.86
C TYR A 176 -0.80 -3.88 -21.86
N ARG A 177 -0.29 -4.99 -22.40
CA ARG A 177 0.80 -4.87 -23.40
C ARG A 177 0.45 -5.49 -24.74
N SER A 178 0.70 -4.76 -25.83
CA SER A 178 0.36 -5.27 -27.15
C SER A 178 1.53 -6.05 -27.71
N LYS A 179 1.28 -7.17 -28.35
CA LYS A 179 2.29 -7.82 -29.19
C LYS A 179 2.47 -7.19 -30.61
N LYS A 180 1.59 -6.26 -30.99
CA LYS A 180 1.71 -5.57 -32.26
C LYS A 180 2.77 -4.48 -32.16
N PRO A 181 3.58 -4.35 -33.20
CA PRO A 181 4.58 -3.30 -33.14
C PRO A 181 3.93 -1.91 -33.03
N ALA A 182 4.51 -1.07 -32.18
CA ALA A 182 4.02 0.25 -31.87
C ALA A 182 3.61 1.09 -33.08
N LYS A 183 4.45 1.07 -34.10
CA LYS A 183 4.18 1.88 -35.30
C LYS A 183 2.86 1.49 -35.96
N ASN A 184 2.39 0.27 -35.72
CA ASN A 184 1.10 -0.17 -36.28
C ASN A 184 -0.10 0.02 -35.31
N LEU A 185 0.05 0.81 -34.24
CA LEU A 185 -1.04 1.03 -33.24
C LEU A 185 -1.38 2.49 -33.19
N LYS A 186 -2.67 2.82 -33.20
CA LYS A 186 -3.09 4.15 -32.86
C LYS A 186 -3.44 4.15 -31.37
N MET A 187 -2.72 4.93 -30.57
CA MET A 187 -2.90 4.86 -29.14
C MET A 187 -4.06 5.78 -28.73
N PRO A 188 -4.88 5.34 -27.75
CA PRO A 188 -5.86 6.25 -27.17
C PRO A 188 -5.18 7.22 -26.20
N GLY A 189 -5.86 8.29 -25.85
CA GLY A 189 -5.51 9.07 -24.63
C GLY A 189 -6.15 8.47 -23.35
N VAL A 190 -6.37 9.30 -22.34
CA VAL A 190 -7.03 8.84 -21.12
C VAL A 190 -8.50 8.54 -21.47
N TYR A 191 -9.05 7.42 -20.99
CA TYR A 191 -10.47 7.20 -21.13
C TYR A 191 -10.95 6.32 -19.96
N TYR A 192 -12.26 6.05 -19.94
CA TYR A 192 -12.88 5.34 -18.83
C TYR A 192 -13.67 4.11 -19.39
N VAL A 193 -13.69 2.99 -18.65
CA VAL A 193 -14.52 1.85 -19.04
C VAL A 193 -15.49 1.53 -17.90
N ASP A 194 -16.76 1.64 -18.17
CA ASP A 194 -17.80 1.25 -17.20
C ASP A 194 -18.08 -0.21 -17.39
N HIS A 195 -18.06 -0.97 -16.28
CA HIS A 195 -18.16 -2.41 -16.31
C HIS A 195 -19.33 -2.86 -15.36
N ARG A 196 -20.01 -3.95 -15.77
CA ARG A 196 -20.88 -4.69 -14.87
C ARG A 196 -20.63 -6.21 -15.16
N LEU A 197 -19.93 -6.88 -14.25
CA LEU A 197 -19.71 -8.28 -14.23
C LEU A 197 -20.71 -8.96 -13.33
N GLU A 198 -21.50 -9.88 -13.86
CA GLU A 198 -22.60 -10.48 -13.14
C GLU A 198 -22.54 -12.01 -13.21
N ARG A 199 -22.72 -12.68 -12.08
CA ARG A 199 -22.80 -14.14 -12.14
C ARG A 199 -24.21 -14.50 -12.52
N ILE A 200 -24.40 -15.35 -13.51
CA ILE A 200 -25.77 -15.69 -14.01
C ILE A 200 -26.26 -17.07 -13.53
N LYS A 201 -25.33 -18.01 -13.30
CA LYS A 201 -25.62 -19.37 -12.81
C LYS A 201 -24.42 -19.92 -12.08
N GLU A 202 -24.71 -20.77 -11.11
CA GLU A 202 -23.68 -21.56 -10.53
C GLU A 202 -24.23 -22.92 -10.14
N ALA A 203 -23.37 -23.89 -10.03
CA ALA A 203 -23.75 -25.21 -9.53
C ALA A 203 -22.56 -25.86 -8.83
N ASP A 204 -22.90 -26.79 -7.91
CA ASP A 204 -21.92 -27.74 -7.34
C ASP A 204 -20.77 -27.02 -6.57
N LYS A 205 -21.16 -26.23 -5.56
CA LYS A 205 -20.16 -25.45 -4.75
C LYS A 205 -19.20 -24.65 -5.67
N GLU A 206 -19.79 -23.90 -6.62
CA GLU A 206 -19.03 -23.04 -7.55
C GLU A 206 -17.97 -23.75 -8.38
N THR A 207 -18.10 -25.07 -8.63
CA THR A 207 -17.29 -25.67 -9.67
C THR A 207 -17.84 -25.52 -11.09
N TYR A 208 -19.04 -25.00 -11.22
CA TYR A 208 -19.63 -24.61 -12.49
C TYR A 208 -20.18 -23.23 -12.29
N VAL A 209 -19.73 -22.30 -13.15
CA VAL A 209 -20.16 -20.90 -12.99
C VAL A 209 -20.36 -20.27 -14.40
N GLU A 210 -21.45 -19.54 -14.56
CA GLU A 210 -21.66 -18.75 -15.79
C GLU A 210 -21.66 -17.28 -15.38
N GLN A 211 -20.86 -16.50 -16.08
CA GLN A 211 -20.68 -15.07 -15.82
C GLN A 211 -21.05 -14.32 -17.11
N HIS A 212 -21.52 -13.09 -16.94
CA HIS A 212 -21.75 -12.16 -18.02
C HIS A 212 -21.09 -10.79 -17.68
N GLU A 213 -20.52 -10.16 -18.70
CA GLU A 213 -19.97 -8.84 -18.55
C GLU A 213 -20.45 -7.90 -19.66
N VAL A 214 -20.80 -6.67 -19.29
CA VAL A 214 -20.97 -5.60 -20.21
C VAL A 214 -19.87 -4.54 -19.86
N ALA A 215 -19.22 -4.04 -20.88
CA ALA A 215 -18.16 -3.06 -20.73
C ALA A 215 -18.28 -2.02 -21.86
N VAL A 216 -18.33 -0.76 -21.47
CA VAL A 216 -18.53 0.33 -22.36
C VAL A 216 -17.50 1.43 -22.07
N ALA A 217 -16.67 1.66 -23.06
CA ALA A 217 -15.63 2.72 -23.00
C ALA A 217 -16.13 4.09 -23.46
N ARG A 218 -15.77 5.15 -22.70
CA ARG A 218 -16.21 6.53 -22.97
C ARG A 218 -15.15 7.53 -22.53
N TYR A 219 -15.31 8.76 -22.96
CA TYR A 219 -14.64 9.90 -22.32
C TYR A 219 -15.53 10.37 -21.17
N CYS A 220 -15.09 11.38 -20.40
CA CYS A 220 -15.90 11.94 -19.42
C CYS A 220 -16.84 12.96 -20.09
N ASP A 221 -18.15 12.82 -19.87
CA ASP A 221 -19.19 13.62 -20.57
C ASP A 221 -19.52 14.89 -19.86
N LEU A 222 -18.90 15.13 -18.69
CA LEU A 222 -19.16 16.35 -17.97
C LEU A 222 -18.62 17.56 -18.74
N PRO A 223 -19.35 18.68 -18.70
CA PRO A 223 -18.83 19.88 -19.36
C PRO A 223 -17.46 20.32 -18.76
N SER A 224 -16.66 20.98 -19.58
CA SER A 224 -15.34 21.44 -19.22
C SER A 224 -15.31 22.97 -19.28
N LYS A 225 -14.58 23.63 -18.40
CA LYS A 225 -14.32 25.09 -18.52
C LYS A 225 -13.10 25.50 -19.36
N LEU A 226 -12.29 24.53 -19.75
CA LEU A 226 -11.12 24.76 -20.58
C LEU A 226 -11.44 24.26 -22.00
N GLU B 2 -31.76 20.62 4.88
CA GLU B 2 -31.73 20.34 3.41
C GLU B 2 -32.40 21.39 2.54
N GLU B 3 -33.54 21.92 3.01
CA GLU B 3 -34.15 23.18 2.49
C GLU B 3 -33.31 24.41 2.95
N LEU B 4 -32.37 24.21 3.87
CA LEU B 4 -31.32 25.17 4.14
C LEU B 4 -30.36 25.43 2.99
N ILE B 5 -30.22 24.46 2.07
CA ILE B 5 -29.28 24.58 0.94
C ILE B 5 -29.98 25.20 -0.27
N LYS B 6 -29.63 26.43 -0.60
CA LYS B 6 -30.34 27.12 -1.68
C LYS B 6 -29.78 26.79 -3.05
N GLU B 7 -30.46 27.30 -4.05
CA GLU B 7 -30.08 27.11 -5.41
C GLU B 7 -28.75 27.79 -5.76
N ASN B 8 -28.39 28.87 -5.07
CA ASN B 8 -27.05 29.53 -5.09
C ASN B 8 -26.56 29.55 -3.68
N MET B 9 -25.33 29.13 -3.43
CA MET B 9 -24.80 29.20 -2.07
C MET B 9 -23.40 29.72 -2.12
N HIS B 10 -23.00 30.38 -1.04
CA HIS B 10 -21.66 30.93 -0.93
C HIS B 10 -20.84 30.08 0.05
N MET B 11 -19.52 30.12 -0.10
CA MET B 11 -18.66 29.39 0.82
C MET B 11 -17.44 30.20 1.22
N LYS B 12 -16.94 29.91 2.42
CA LYS B 12 -15.65 30.43 2.86
C LYS B 12 -14.86 29.33 3.50
N LEU B 13 -13.54 29.42 3.32
CA LEU B 13 -12.64 28.36 3.80
C LEU B 13 -11.39 28.84 4.47
N TYR B 14 -11.01 28.11 5.51
CA TYR B 14 -9.67 28.19 6.07
C TYR B 14 -8.97 26.83 5.98
N MET B 15 -7.71 26.86 5.56
CA MET B 15 -6.85 25.71 5.44
C MET B 15 -5.45 25.99 6.07
N GLU B 16 -4.98 25.03 6.82
CA GLU B 16 -3.57 25.00 7.19
C GLU B 16 -2.99 23.61 7.23
N GLY B 17 -1.68 23.55 7.04
CA GLY B 17 -0.94 22.34 7.42
C GLY B 17 0.49 22.38 6.94
N THR B 18 1.04 21.17 6.70
CA THR B 18 2.42 20.94 6.27
C THR B 18 2.47 19.96 5.11
N VAL B 19 3.39 20.17 4.19
CA VAL B 19 3.80 19.14 3.24
C VAL B 19 5.30 19.00 3.36
N ASN B 20 5.70 17.81 3.79
CA ASN B 20 7.13 17.39 4.05
C ASN B 20 7.52 18.20 5.29
N ASN B 21 8.22 19.30 5.07
CA ASN B 21 8.56 20.16 6.24
C ASN B 21 8.10 21.57 6.00
N HIS B 22 7.28 21.82 4.97
CA HIS B 22 6.85 23.16 4.66
C HIS B 22 5.44 23.51 5.19
N HIS B 23 5.38 24.49 6.11
CA HIS B 23 4.15 24.97 6.70
C HIS B 23 3.44 26.05 5.86
N PHE B 24 2.11 26.00 5.88
CA PHE B 24 1.37 26.97 5.07
C PHE B 24 -0.07 27.14 5.58
N LYS B 25 -0.72 28.16 5.06
CA LYS B 25 -2.10 28.46 5.32
C LYS B 25 -2.71 29.04 4.05
N CYS B 26 -3.97 28.75 3.87
CA CYS B 26 -4.75 29.25 2.78
C CYS B 26 -6.13 29.65 3.23
N THR B 27 -6.73 30.56 2.50
CA THR B 27 -8.12 30.97 2.65
C THR B 27 -8.76 31.02 1.28
N SER B 28 -10.05 30.83 1.24
CA SER B 28 -10.75 30.94 -0.01
C SER B 28 -12.19 31.34 0.14
N GLU B 29 -12.73 31.86 -0.92
CA GLU B 29 -14.13 32.21 -0.98
C GLU B 29 -14.66 31.78 -2.34
N GLY B 30 -15.93 31.47 -2.38
CA GLY B 30 -16.54 31.05 -3.60
C GLY B 30 -18.04 30.98 -3.57
N GLU B 31 -18.59 30.45 -4.65
CA GLU B 31 -20.00 30.24 -4.77
C GLU B 31 -20.30 29.16 -5.79
N GLY B 32 -21.44 28.55 -5.64
CA GLY B 32 -21.86 27.53 -6.55
C GLY B 32 -23.34 27.30 -6.57
N LYS B 33 -23.78 26.37 -7.39
CA LYS B 33 -25.15 25.97 -7.44
C LYS B 33 -25.18 24.53 -6.98
N PRO B 34 -25.63 24.30 -5.78
CA PRO B 34 -25.57 22.97 -5.18
C PRO B 34 -26.32 21.89 -5.91
N TYR B 35 -27.51 22.16 -6.41
CA TYR B 35 -28.31 21.18 -7.14
C TYR B 35 -27.80 20.90 -8.52
N GLU B 36 -27.07 21.84 -9.11
CA GLU B 36 -26.47 21.64 -10.42
C GLU B 36 -25.09 20.99 -10.35
N GLY B 37 -24.54 20.89 -9.16
CA GLY B 37 -23.25 20.29 -8.97
C GLY B 37 -22.03 21.09 -9.42
N THR B 38 -22.16 22.40 -9.50
CA THR B 38 -21.06 23.26 -9.94
C THR B 38 -20.67 24.29 -8.91
N GLN B 39 -19.39 24.60 -8.89
CA GLN B 39 -18.88 25.60 -7.96
C GLN B 39 -17.56 26.18 -8.43
N THR B 40 -17.26 27.35 -7.87
CA THR B 40 -16.06 28.06 -8.13
C THR B 40 -15.45 28.49 -6.80
N MET B 41 -14.12 28.34 -6.69
CA MET B 41 -13.41 28.78 -5.52
C MET B 41 -12.19 29.65 -5.95
N ARG B 42 -11.99 30.76 -5.23
CA ARG B 42 -10.88 31.69 -5.39
C ARG B 42 -10.05 31.58 -4.11
N ILE B 43 -8.81 31.18 -4.30
CA ILE B 43 -7.97 30.74 -3.21
C ILE B 43 -6.69 31.61 -3.11
N LYS B 44 -6.32 31.86 -1.86
CA LYS B 44 -5.09 32.61 -1.59
C LYS B 44 -4.27 31.77 -0.67
N VAL B 45 -3.01 31.61 -1.04
CA VAL B 45 -2.03 31.11 -0.08
C VAL B 45 -1.63 32.33 0.80
N VAL B 46 -2.08 32.39 2.06
CA VAL B 46 -1.79 33.53 2.93
C VAL B 46 -0.54 33.38 3.81
N GLU B 47 0.00 32.18 3.97
CA GLU B 47 1.24 31.97 4.72
C GLU B 47 2.05 30.84 4.09
N GLY B 48 3.34 31.04 4.00
CA GLY B 48 4.25 30.05 3.45
C GLY B 48 4.35 30.04 1.96
N GLY B 49 3.79 31.03 1.29
CA GLY B 49 3.83 31.13 -0.19
C GLY B 49 5.09 31.85 -0.60
N PRO B 50 5.65 31.62 -1.80
CA PRO B 50 5.28 30.50 -2.73
C PRO B 50 5.57 29.13 -2.16
N LEU B 51 4.69 28.18 -2.50
CA LEU B 51 4.80 26.81 -2.03
C LEU B 51 5.90 26.15 -2.84
N PRO B 52 6.69 25.30 -2.23
CA PRO B 52 7.76 24.58 -2.92
C PRO B 52 7.27 23.25 -3.53
N PHE B 53 5.96 23.05 -3.51
CA PHE B 53 5.30 21.88 -4.06
C PHE B 53 4.15 22.27 -4.99
N ALA B 54 3.83 21.41 -5.93
CA ALA B 54 2.75 21.69 -6.83
C ALA B 54 1.43 21.88 -6.08
N PHE B 55 0.74 22.96 -6.38
CA PHE B 55 -0.56 23.31 -5.77
C PHE B 55 -1.68 22.24 -6.04
N ASP B 56 -1.53 21.47 -7.13
CA ASP B 56 -2.41 20.41 -7.57
C ASP B 56 -2.67 19.40 -6.45
N ILE B 57 -1.69 19.08 -5.59
CA ILE B 57 -1.87 18.16 -4.48
C ILE B 57 -2.86 18.62 -3.40
N LEU B 58 -3.06 19.92 -3.30
CA LEU B 58 -4.03 20.51 -2.40
C LEU B 58 -5.45 20.71 -3.00
N ALA B 59 -5.55 20.51 -4.30
CA ALA B 59 -6.76 20.87 -5.02
C ALA B 59 -8.04 20.21 -4.55
N THR B 60 -7.97 18.94 -4.26
CA THR B 60 -9.10 18.17 -3.81
C THR B 60 -9.49 18.41 -2.37
N SER B 61 -8.72 19.19 -1.64
CA SER B 61 -9.05 19.45 -0.26
C SER B 61 -9.92 20.74 -0.06
N PHE B 62 -10.03 21.56 -1.09
CA PHE B 62 -10.83 22.76 -1.06
C PHE B 62 -12.32 22.49 -1.36
N1 NRQ B 63 -13.05 21.58 -1.87
N1 NRQ B 63 -12.78 21.59 -2.15
CE NRQ B 63 -13.92 24.08 -6.86
CE NRQ B 63 -14.05 24.36 -6.60
SD NRQ B 63 -12.97 23.77 -5.40
SD NRQ B 63 -13.11 22.87 -6.62
CG1 NRQ B 63 -13.48 22.14 -4.97
CG1 NRQ B 63 -13.69 22.02 -5.19
CB1 NRQ B 63 -12.36 21.54 -4.15
CB1 NRQ B 63 -12.54 21.24 -4.56
CA1 NRQ B 63 -12.87 20.87 -2.88
CA1 NRQ B 63 -12.82 20.78 -3.14
C1 NRQ B 63 -13.10 19.39 -2.93
C1 NRQ B 63 -13.08 19.31 -2.94
N2 NRQ B 63 -12.87 18.80 -4.14
N2 NRQ B 63 -12.97 18.36 -3.95
OH NRQ B 63 -13.14 11.42 -6.36
OH NRQ B 63 -11.86 14.90 -9.14
CD2 NRQ B 63 -12.71 14.93 -6.57
CD2 NRQ B 63 -12.76 14.32 -5.71
CE2 NRQ B 63 -12.77 13.61 -6.86
CE2 NRQ B 63 -12.37 14.07 -7.01
CZ NRQ B 63 -13.12 12.67 -5.91
CZ NRQ B 63 -12.21 15.14 -7.87
CE1 NRQ B 63 -13.45 13.00 -4.59
CE1 NRQ B 63 -12.42 16.43 -7.46
CD1 NRQ B 63 -13.40 14.35 -4.29
CD1 NRQ B 63 -12.79 16.69 -6.16
CG2 NRQ B 63 -13.00 15.28 -5.27
CG2 NRQ B 63 -12.93 15.62 -5.31
CB2 NRQ B 63 -12.90 16.73 -5.15
CB2 NRQ B 63 -13.29 15.84 -3.92
CA2 NRQ B 63 -13.11 17.51 -3.94
CA2 NRQ B 63 -13.25 17.18 -3.33
C2 NRQ B 63 -13.52 17.29 -2.53
C2 NRQ B 63 -13.52 17.45 -1.94
O2 NRQ B 63 -13.85 16.18 -1.94
O2 NRQ B 63 -13.83 16.56 -1.07
N3 NRQ B 63 -13.51 18.50 -1.95
N3 NRQ B 63 -13.41 18.74 -1.73
CA3 NRQ B 63 -13.80 18.71 -0.52
CA3 NRQ B 63 -13.58 19.33 -0.42
C3 NRQ B 63 -15.12 19.37 -0.18
C3 NRQ B 63 -14.94 19.94 -0.17
O3 NRQ B 63 -15.28 19.59 1.06
O3 NRQ B 63 -15.07 20.31 1.04
N SER B 64 -15.77 19.93 -1.16
CA SER B 64 -16.96 20.80 -1.03
C SER B 64 -18.16 19.98 -1.52
N ARG B 65 -18.51 19.03 -0.66
CA ARG B 65 -19.41 17.90 -1.05
C ARG B 65 -20.90 18.29 -1.17
N THR B 66 -21.26 19.43 -0.61
CA THR B 66 -22.62 19.96 -0.73
C THR B 66 -22.96 20.24 -2.19
N PHE B 67 -21.96 20.47 -3.04
CA PHE B 67 -22.21 20.83 -4.40
C PHE B 67 -22.10 19.65 -5.36
N ILE B 68 -22.78 18.57 -5.05
CA ILE B 68 -22.85 17.43 -5.95
C ILE B 68 -24.36 17.32 -6.34
N ASN B 69 -24.58 17.27 -7.65
CA ASN B 69 -25.91 17.04 -8.24
C ASN B 69 -26.23 15.57 -8.03
N HIS B 70 -27.02 15.30 -7.01
CA HIS B 70 -27.52 13.95 -6.73
C HIS B 70 -28.74 13.68 -7.60
N THR B 71 -28.51 13.02 -8.73
CA THR B 71 -29.55 12.71 -9.68
C THR B 71 -30.27 11.39 -9.27
N GLN B 72 -31.37 11.10 -9.97
CA GLN B 72 -32.02 9.73 -9.88
C GLN B 72 -32.60 9.41 -8.47
N GLY B 73 -32.88 10.44 -7.69
CA GLY B 73 -33.44 10.31 -6.37
C GLY B 73 -32.44 9.80 -5.36
N ILE B 74 -31.14 9.77 -5.70
CA ILE B 74 -30.16 9.25 -4.72
C ILE B 74 -30.23 10.07 -3.42
N PRO B 75 -30.45 9.42 -2.29
CA PRO B 75 -30.43 10.20 -1.06
C PRO B 75 -29.08 10.95 -0.88
N ASP B 76 -29.16 12.21 -0.53
CA ASP B 76 -27.99 13.17 -0.47
C ASP B 76 -27.48 13.32 0.95
N PHE B 77 -26.50 12.49 1.29
CA PHE B 77 -25.90 12.48 2.66
C PHE B 77 -25.45 13.85 3.16
N PHE B 78 -24.99 14.70 2.23
CA PHE B 78 -24.33 15.96 2.52
C PHE B 78 -25.41 17.03 2.80
N LYS B 79 -26.29 17.20 1.85
CA LYS B 79 -27.31 18.23 1.93
C LYS B 79 -28.23 17.87 3.09
N GLN B 80 -28.45 16.55 3.30
CA GLN B 80 -29.29 16.11 4.41
C GLN B 80 -28.73 16.43 5.79
N SER B 81 -27.41 16.72 5.89
CA SER B 81 -26.79 16.86 7.19
C SER B 81 -27.03 18.18 7.86
N PHE B 82 -27.50 19.15 7.11
CA PHE B 82 -27.66 20.49 7.63
C PHE B 82 -28.94 20.60 8.47
N PRO B 83 -29.00 21.44 9.51
CA PRO B 83 -27.96 22.40 9.91
C PRO B 83 -26.73 21.86 10.61
N GLU B 84 -26.77 20.65 11.15
CA GLU B 84 -25.65 20.08 11.94
C GLU B 84 -24.32 20.09 11.15
N GLY B 85 -24.39 19.83 9.85
CA GLY B 85 -23.20 19.89 9.02
C GLY B 85 -22.52 18.52 9.01
N PHE B 86 -21.30 18.47 8.49
CA PHE B 86 -20.63 17.18 8.35
C PHE B 86 -19.10 17.29 8.35
N THR B 87 -18.45 16.14 8.46
CA THR B 87 -16.97 16.12 8.35
C THR B 87 -16.48 15.14 7.27
N TRP B 88 -15.22 15.32 6.83
CA TRP B 88 -14.60 14.32 6.08
C TRP B 88 -13.13 14.14 6.48
N GLU B 89 -12.66 12.93 6.27
CA GLU B 89 -11.29 12.53 6.50
C GLU B 89 -10.78 11.69 5.33
N ARG B 90 -9.56 11.98 4.86
CA ARG B 90 -9.04 11.32 3.68
C ARG B 90 -7.55 10.99 3.80
N VAL B 91 -7.16 9.89 3.17
CA VAL B 91 -5.74 9.64 2.88
C VAL B 91 -5.60 9.45 1.37
N THR B 92 -4.67 10.20 0.78
CA THR B 92 -4.30 10.13 -0.62
C THR B 92 -2.86 9.60 -0.67
N THR B 93 -2.66 8.51 -1.40
CA THR B 93 -1.37 7.86 -1.58
C THR B 93 -0.97 7.95 -3.03
N TYR B 94 0.15 8.61 -3.27
CA TYR B 94 0.71 8.72 -4.58
C TYR B 94 1.56 7.49 -4.86
N GLU B 95 1.60 7.02 -6.10
CA GLU B 95 2.40 5.83 -6.40
C GLU B 95 3.93 6.01 -6.33
N ASP B 96 4.44 7.24 -6.17
CA ASP B 96 5.91 7.42 -5.93
C ASP B 96 6.28 7.74 -4.48
N GLY B 97 5.36 7.61 -3.53
CA GLY B 97 5.65 7.66 -2.13
C GLY B 97 4.97 8.75 -1.30
N GLY B 98 4.52 9.81 -1.94
CA GLY B 98 3.92 10.89 -1.18
C GLY B 98 2.58 10.41 -0.57
N VAL B 99 2.33 10.81 0.65
CA VAL B 99 1.09 10.42 1.31
C VAL B 99 0.56 11.66 1.92
N LEU B 100 -0.68 12.01 1.61
CA LEU B 100 -1.28 13.22 2.19
C LEU B 100 -2.60 12.87 2.87
N THR B 101 -2.71 13.17 4.16
CA THR B 101 -3.95 13.03 4.86
C THR B 101 -4.56 14.46 5.04
N ALA B 102 -5.86 14.47 5.09
CA ALA B 102 -6.64 15.72 5.19
C ALA B 102 -7.93 15.45 5.97
N THR B 103 -8.28 16.39 6.86
CA THR B 103 -9.52 16.29 7.59
C THR B 103 -10.20 17.63 7.48
N GLN B 104 -11.53 17.58 7.47
CA GLN B 104 -12.30 18.75 7.13
C GLN B 104 -13.59 18.82 7.97
N ASP B 105 -13.95 20.04 8.35
CA ASP B 105 -15.25 20.36 8.99
C ASP B 105 -16.04 21.28 8.06
N THR B 106 -17.29 20.90 7.78
CA THR B 106 -18.24 21.72 7.03
C THR B 106 -19.44 22.09 7.97
N SER B 107 -19.70 23.39 8.05
CA SER B 107 -20.76 23.92 8.85
C SER B 107 -21.44 24.98 7.99
N LEU B 108 -22.61 25.40 8.46
CA LEU B 108 -23.46 26.40 7.80
C LEU B 108 -23.68 27.47 8.89
N GLN B 109 -23.31 28.69 8.59
CA GLN B 109 -23.36 29.81 9.53
C GLN B 109 -23.95 30.96 8.77
N ASP B 110 -25.09 31.48 9.28
CA ASP B 110 -25.84 32.57 8.63
C ASP B 110 -26.06 32.37 7.14
N GLY B 111 -26.43 31.17 6.73
CA GLY B 111 -26.61 30.87 5.30
C GLY B 111 -25.34 30.75 4.43
N CYS B 112 -24.13 30.90 5.02
CA CYS B 112 -22.84 30.69 4.26
C CYS B 112 -22.20 29.37 4.71
N LEU B 113 -21.74 28.56 3.76
CA LEU B 113 -21.03 27.29 4.07
C LEU B 113 -19.58 27.65 4.49
N ILE B 114 -19.11 27.05 5.60
CA ILE B 114 -17.84 27.40 6.23
C ILE B 114 -17.02 26.12 6.35
N TYR B 115 -15.85 26.16 5.76
CA TYR B 115 -14.97 24.98 5.68
C TYR B 115 -13.68 25.25 6.49
N ASN B 116 -13.32 24.29 7.31
CA ASN B 116 -12.06 24.31 8.02
C ASN B 116 -11.27 23.03 7.72
N VAL B 117 -10.12 23.17 7.08
CA VAL B 117 -9.39 22.01 6.52
C VAL B 117 -8.03 21.94 7.14
N LYS B 118 -7.59 20.71 7.45
CA LYS B 118 -6.23 20.46 7.83
C LYS B 118 -5.53 19.41 6.97
N ILE B 119 -4.29 19.71 6.66
CA ILE B 119 -3.52 18.98 5.68
C ILE B 119 -2.25 18.51 6.37
N ARG B 120 -1.85 17.26 6.10
CA ARG B 120 -0.51 16.77 6.54
C ARG B 120 0.00 15.82 5.48
N GLY B 121 0.90 16.34 4.67
CA GLY B 121 1.54 15.62 3.61
C GLY B 121 2.97 15.21 3.98
N VAL B 122 3.33 13.95 3.71
CA VAL B 122 4.69 13.46 4.03
C VAL B 122 5.26 12.62 2.92
N ASN B 123 6.59 12.56 2.92
CA ASN B 123 7.36 11.65 2.06
C ASN B 123 7.16 11.85 0.56
N PHE B 124 6.84 13.08 0.14
CA PHE B 124 6.89 13.44 -1.25
C PHE B 124 8.36 13.44 -1.72
N PRO B 125 8.69 12.69 -2.77
CA PRO B 125 10.09 12.59 -3.14
C PRO B 125 10.68 13.96 -3.55
N SER B 126 11.83 14.35 -2.97
CA SER B 126 12.27 15.75 -3.18
C SER B 126 12.62 16.01 -4.66
N ASN B 127 12.91 14.97 -5.43
CA ASN B 127 13.19 15.14 -6.83
C ASN B 127 12.07 14.68 -7.78
N GLY B 128 10.87 14.39 -7.24
CA GLY B 128 9.81 13.90 -8.08
C GLY B 128 9.00 15.11 -8.63
N PRO B 129 7.94 14.83 -9.38
CA PRO B 129 7.23 15.89 -10.08
C PRO B 129 6.42 16.75 -9.23
N VAL B 130 5.96 16.28 -8.08
CA VAL B 130 5.28 17.22 -7.16
C VAL B 130 6.18 18.32 -6.57
N MET B 131 7.34 17.92 -6.02
CA MET B 131 8.27 18.86 -5.42
C MET B 131 8.99 19.68 -6.49
N GLN B 132 9.04 19.16 -7.70
CA GLN B 132 9.69 19.89 -8.77
C GLN B 132 8.72 20.67 -9.69
N LYS B 133 7.45 20.67 -9.34
CA LYS B 133 6.42 21.50 -9.99
C LYS B 133 6.29 21.20 -11.46
N LYS B 134 6.18 19.91 -11.77
CA LYS B 134 6.07 19.38 -13.12
C LYS B 134 4.64 18.83 -13.42
N THR B 135 3.66 19.39 -12.76
CA THR B 135 2.28 18.86 -12.84
C THR B 135 1.39 19.89 -13.60
N LEU B 136 0.38 19.36 -14.28
CA LEU B 136 -0.52 20.15 -15.10
C LEU B 136 -2.02 19.84 -14.85
N GLY B 137 -2.39 19.71 -13.58
CA GLY B 137 -3.80 19.49 -13.20
C GLY B 137 -4.26 18.01 -13.32
N TRP B 138 -5.53 17.77 -13.00
CA TRP B 138 -6.05 16.42 -12.74
C TRP B 138 -6.92 16.05 -13.90
N GLU B 139 -6.88 14.78 -14.28
CA GLU B 139 -7.91 14.23 -15.16
C GLU B 139 -9.26 14.13 -14.45
N ALA B 140 -10.35 14.03 -15.22
CA ALA B 140 -11.69 13.70 -14.63
C ALA B 140 -11.61 12.34 -13.97
N ASN B 141 -12.50 12.04 -13.01
CA ASN B 141 -12.47 10.80 -12.30
C ASN B 141 -13.85 10.42 -11.84
N THR B 142 -14.02 9.13 -11.60
CA THR B 142 -15.28 8.63 -10.94
C THR B 142 -14.97 8.12 -9.56
N GLU B 143 -15.71 8.58 -8.55
CA GLU B 143 -15.63 8.07 -7.21
C GLU B 143 -16.76 7.08 -6.94
N MET B 144 -16.49 5.97 -6.23
CA MET B 144 -17.55 5.07 -5.72
C MET B 144 -17.79 5.39 -4.26
N LEU B 145 -19.05 5.55 -3.86
CA LEU B 145 -19.45 5.82 -2.50
C LEU B 145 -20.36 4.65 -2.06
N TYR B 146 -20.20 4.25 -0.80
CA TYR B 146 -20.97 3.16 -0.29
C TYR B 146 -21.14 3.39 1.21
N PRO B 147 -22.23 2.90 1.77
CA PRO B 147 -22.36 3.07 3.21
C PRO B 147 -21.39 2.19 4.00
N ALA B 148 -20.91 2.72 5.14
CA ALA B 148 -19.99 2.00 6.02
C ALA B 148 -20.02 2.65 7.42
N ASP B 149 -20.00 1.85 8.50
CA ASP B 149 -20.04 2.37 9.94
C ASP B 149 -21.03 3.53 10.26
N GLY B 150 -22.26 3.53 9.73
CA GLY B 150 -23.16 4.75 9.82
C GLY B 150 -22.78 6.04 9.02
N GLY B 151 -21.60 6.05 8.37
CA GLY B 151 -21.25 7.08 7.39
C GLY B 151 -21.21 6.55 5.95
N LEU B 152 -20.47 7.27 5.10
CA LEU B 152 -20.24 6.94 3.69
C LEU B 152 -18.72 6.85 3.52
N GLU B 153 -18.27 5.88 2.71
CA GLU B 153 -16.87 5.70 2.38
C GLU B 153 -16.80 5.97 0.89
N GLY B 154 -15.69 6.56 0.46
CA GLY B 154 -15.41 6.82 -0.95
C GLY B 154 -14.07 6.30 -1.35
N ARG B 155 -13.99 5.83 -2.57
CA ARG B 155 -12.79 5.31 -3.20
C ARG B 155 -12.66 5.90 -4.59
N THR B 156 -11.50 6.43 -4.88
CA THR B 156 -11.19 6.78 -6.27
C THR B 156 -9.67 6.72 -6.56
N ASP B 157 -9.34 6.56 -7.84
CA ASP B 157 -7.97 6.76 -8.31
C ASP B 157 -7.99 8.05 -9.15
N MET B 158 -6.97 8.91 -8.99
CA MET B 158 -6.94 10.13 -9.78
C MET B 158 -5.59 10.19 -10.51
N ALA B 159 -5.59 10.77 -11.69
CA ALA B 159 -4.41 10.83 -12.53
C ALA B 159 -3.97 12.29 -12.64
N LEU B 160 -2.73 12.54 -12.23
CA LEU B 160 -2.12 13.87 -12.15
C LEU B 160 -1.31 14.01 -13.42
N LYS B 161 -1.68 14.99 -14.26
CA LYS B 161 -1.02 15.17 -15.57
C LYS B 161 0.38 15.74 -15.34
N LEU B 162 1.36 15.22 -16.06
CA LEU B 162 2.74 15.67 -15.93
C LEU B 162 3.15 16.39 -17.20
N VAL B 163 4.11 17.29 -17.04
CA VAL B 163 4.80 17.91 -18.20
C VAL B 163 5.39 16.80 -19.02
N GLY B 164 5.20 16.87 -20.34
CA GLY B 164 5.63 15.81 -21.23
C GLY B 164 4.55 14.78 -21.60
N GLY B 165 3.37 14.84 -21.01
CA GLY B 165 2.29 13.96 -21.45
C GLY B 165 2.02 12.72 -20.58
N GLY B 166 2.81 12.44 -19.57
CA GLY B 166 2.51 11.26 -18.71
C GLY B 166 1.61 11.58 -17.53
N HIS B 167 1.46 10.61 -16.62
CA HIS B 167 0.65 10.83 -15.45
C HIS B 167 1.31 10.28 -14.20
N LEU B 168 1.01 10.87 -13.03
CA LEU B 168 1.29 10.29 -11.76
C LEU B 168 -0.03 9.94 -11.13
N ILE B 169 -0.15 8.71 -10.67
CA ILE B 169 -1.44 8.20 -10.15
C ILE B 169 -1.47 8.27 -8.63
N CYS B 170 -2.62 8.61 -8.09
CA CYS B 170 -2.88 8.48 -6.70
C CYS B 170 -4.24 7.86 -6.38
N ASN B 171 -4.32 7.29 -5.22
CA ASN B 171 -5.48 6.59 -4.77
C ASN B 171 -5.96 7.31 -3.53
N PHE B 172 -7.24 7.57 -3.43
CA PHE B 172 -7.95 8.24 -2.35
CA PHE B 172 -7.67 8.04 -2.17
C PHE B 172 -8.86 7.32 -1.53
N LYS B 173 -8.81 7.32 -0.21
CA LYS B 173 -9.84 6.65 0.60
C LYS B 173 -10.37 7.72 1.51
N THR B 174 -11.66 7.98 1.45
CA THR B 174 -12.33 8.99 2.24
C THR B 174 -13.40 8.34 3.07
N THR B 175 -13.57 8.89 4.28
CA THR B 175 -14.70 8.61 5.18
C THR B 175 -15.46 9.93 5.39
N TYR B 176 -16.77 9.88 5.16
CA TYR B 176 -17.63 11.03 5.29
C TYR B 176 -18.51 10.72 6.49
N ARG B 177 -18.51 11.66 7.46
CA ARG B 177 -19.35 11.54 8.70
C ARG B 177 -20.31 12.75 8.89
N SER B 178 -21.58 12.43 9.15
CA SER B 178 -22.63 13.43 9.38
C SER B 178 -22.70 13.78 10.84
N LYS B 179 -22.87 15.05 11.17
CA LYS B 179 -23.14 15.38 12.56
C LYS B 179 -24.66 15.28 12.93
N LYS B 180 -25.50 15.01 11.93
CA LYS B 180 -26.93 14.77 12.14
C LYS B 180 -27.13 13.38 12.71
N PRO B 181 -28.00 13.23 13.76
CA PRO B 181 -28.24 11.86 14.26
C PRO B 181 -28.78 10.97 13.16
N ALA B 182 -28.40 9.71 13.18
CA ALA B 182 -28.73 8.75 12.14
C ALA B 182 -30.23 8.54 11.90
N LYS B 183 -31.06 8.83 12.91
CA LYS B 183 -32.49 8.65 12.76
C LYS B 183 -33.12 9.65 11.80
N ASN B 184 -32.46 10.77 11.58
CA ASN B 184 -32.97 11.83 10.73
C ASN B 184 -32.32 11.85 9.32
N LEU B 185 -31.50 10.83 9.02
CA LEU B 185 -30.83 10.72 7.70
C LEU B 185 -31.27 9.45 7.04
N LYS B 186 -31.65 9.56 5.79
CA LYS B 186 -31.90 8.41 4.95
C LYS B 186 -30.61 8.15 4.13
N MET B 187 -30.08 6.95 4.26
CA MET B 187 -28.79 6.63 3.71
C MET B 187 -28.96 6.16 2.29
N PRO B 188 -28.04 6.54 1.40
CA PRO B 188 -28.05 5.89 0.09
C PRO B 188 -27.44 4.49 0.12
N GLY B 189 -27.58 3.79 -1.01
CA GLY B 189 -26.83 2.53 -1.22
C GLY B 189 -25.53 2.90 -1.93
N VAL B 190 -25.01 1.96 -2.71
CA VAL B 190 -23.80 2.20 -3.48
C VAL B 190 -24.14 3.19 -4.59
N TYR B 191 -23.30 4.19 -4.81
CA TYR B 191 -23.44 5.00 -5.99
C TYR B 191 -22.10 5.58 -6.46
N TYR B 192 -22.15 6.37 -7.53
CA TYR B 192 -20.95 6.88 -8.20
C TYR B 192 -21.06 8.38 -8.36
N VAL B 193 -19.94 9.07 -8.27
CA VAL B 193 -19.89 10.51 -8.50
C VAL B 193 -18.84 10.79 -9.58
N ASP B 194 -19.26 11.38 -10.68
CA ASP B 194 -18.31 11.79 -11.71
C ASP B 194 -17.91 13.23 -11.41
N HIS B 195 -16.61 13.54 -11.51
CA HIS B 195 -16.01 14.80 -11.07
C HIS B 195 -15.12 15.30 -12.18
N ARG B 196 -15.15 16.60 -12.42
CA ARG B 196 -14.15 17.23 -13.26
C ARG B 196 -13.70 18.48 -12.50
N LEU B 197 -12.49 18.40 -11.94
CA LEU B 197 -11.92 19.48 -11.18
C LEU B 197 -10.93 20.23 -12.07
N GLU B 198 -11.13 21.52 -12.28
CA GLU B 198 -10.30 22.31 -13.25
C GLU B 198 -9.78 23.62 -12.66
N ARG B 199 -8.51 23.89 -12.97
CA ARG B 199 -7.88 25.14 -12.66
C ARG B 199 -8.21 26.14 -13.75
N ILE B 200 -8.83 27.24 -13.34
CA ILE B 200 -9.34 28.27 -14.21
C ILE B 200 -8.33 29.45 -14.33
N LYS B 201 -7.74 29.86 -13.25
CA LYS B 201 -6.82 30.98 -13.25
C LYS B 201 -5.74 30.70 -12.22
N GLU B 202 -4.50 31.14 -12.46
CA GLU B 202 -3.55 31.25 -11.38
C GLU B 202 -2.66 32.49 -11.48
N ALA B 203 -2.11 32.92 -10.36
CA ALA B 203 -1.09 33.91 -10.44
C ALA B 203 -0.13 33.83 -9.27
N ASP B 204 1.01 34.52 -9.48
CA ASP B 204 2.02 34.80 -8.43
C ASP B 204 2.56 33.49 -7.83
N LYS B 205 3.02 32.62 -8.72
CA LYS B 205 3.60 31.31 -8.33
C LYS B 205 2.64 30.47 -7.51
N GLU B 206 1.42 30.38 -8.04
CA GLU B 206 0.29 29.66 -7.47
C GLU B 206 -0.04 30.09 -6.10
N THR B 207 0.17 31.39 -5.73
CA THR B 207 -0.34 31.86 -4.45
C THR B 207 -1.76 32.39 -4.63
N TYR B 208 -2.18 32.55 -5.87
CA TYR B 208 -3.57 32.80 -6.18
C TYR B 208 -4.04 31.76 -7.16
N VAL B 209 -5.13 31.06 -6.82
CA VAL B 209 -5.66 30.04 -7.78
C VAL B 209 -7.17 30.14 -7.87
N GLU B 210 -7.69 30.06 -9.08
CA GLU B 210 -9.16 29.87 -9.23
C GLU B 210 -9.44 28.47 -9.73
N GLN B 211 -10.28 27.75 -9.04
CA GLN B 211 -10.67 26.36 -9.40
C GLN B 211 -12.17 26.26 -9.64
N HIS B 212 -12.57 25.35 -10.50
CA HIS B 212 -14.01 25.02 -10.70
C HIS B 212 -14.14 23.52 -10.63
N GLU B 213 -15.28 23.05 -10.11
CA GLU B 213 -15.59 21.65 -10.08
C GLU B 213 -17.02 21.46 -10.56
N VAL B 214 -17.22 20.44 -11.39
CA VAL B 214 -18.56 19.90 -11.64
C VAL B 214 -18.55 18.43 -11.16
N ALA B 215 -19.60 18.09 -10.42
CA ALA B 215 -19.79 16.76 -9.82
C ALA B 215 -21.26 16.31 -9.86
N VAL B 216 -21.47 15.16 -10.51
CA VAL B 216 -22.81 14.59 -10.71
C VAL B 216 -22.82 13.14 -10.21
N ALA B 217 -23.71 12.86 -9.25
CA ALA B 217 -23.90 11.53 -8.70
C ALA B 217 -24.92 10.78 -9.50
N ARG B 218 -24.64 9.49 -9.65
CA ARG B 218 -25.52 8.60 -10.39
C ARG B 218 -25.37 7.11 -9.96
N TYR B 219 -26.32 6.29 -10.42
CA TYR B 219 -26.22 4.84 -10.37
C TYR B 219 -25.47 4.46 -11.60
N CYS B 220 -25.15 3.18 -11.73
CA CYS B 220 -24.58 2.72 -12.93
C CYS B 220 -25.75 2.44 -13.88
N ASP B 221 -25.69 2.99 -15.08
CA ASP B 221 -26.81 2.89 -16.06
C ASP B 221 -26.65 1.71 -17.01
N LEU B 222 -25.60 0.90 -16.88
CA LEU B 222 -25.43 -0.26 -17.77
C LEU B 222 -26.55 -1.27 -17.57
N PRO B 223 -26.94 -1.98 -18.62
CA PRO B 223 -27.98 -2.99 -18.41
C PRO B 223 -27.51 -4.08 -17.41
N SER B 224 -28.46 -4.79 -16.79
CA SER B 224 -28.16 -5.83 -15.84
C SER B 224 -28.86 -7.09 -16.37
N LYS B 225 -28.18 -8.23 -16.38
CA LYS B 225 -28.86 -9.51 -16.62
C LYS B 225 -29.61 -10.04 -15.41
N LEU B 226 -29.62 -9.33 -14.31
CA LEU B 226 -30.25 -9.75 -13.11
C LEU B 226 -31.22 -8.64 -12.74
N GLY C 1 28.38 21.08 17.40
CA GLY C 1 27.27 20.09 17.09
C GLY C 1 26.99 19.09 18.22
N GLU C 2 27.68 17.96 18.20
CA GLU C 2 27.63 16.97 19.32
C GLU C 2 27.99 17.54 20.71
N GLU C 3 28.81 18.61 20.78
CA GLU C 3 29.24 19.29 22.06
C GLU C 3 28.09 19.86 22.92
N LEU C 4 27.05 20.32 22.24
CA LEU C 4 25.80 20.81 22.81
C LEU C 4 24.91 19.74 23.43
N ILE C 5 25.03 18.50 22.96
CA ILE C 5 24.29 17.36 23.56
C ILE C 5 25.14 16.74 24.66
N LYS C 6 24.71 16.94 25.90
CA LYS C 6 25.40 16.48 27.11
C LYS C 6 24.96 15.08 27.47
N GLU C 7 25.68 14.47 28.41
CA GLU C 7 25.44 13.13 28.88
C GLU C 7 24.09 12.97 29.49
N ASN C 8 23.54 14.04 30.07
CA ASN C 8 22.17 14.07 30.54
C ASN C 8 21.53 15.26 29.85
N MET C 9 20.30 15.05 29.32
CA MET C 9 19.47 16.09 28.71
C MET C 9 18.00 15.98 29.14
N HIS C 10 17.36 17.16 29.19
CA HIS C 10 15.98 17.36 29.46
C HIS C 10 15.26 17.65 28.11
N MET C 11 13.98 17.32 28.06
CA MET C 11 13.13 17.56 26.89
C MET C 11 11.78 18.05 27.41
N LYS C 12 11.19 18.93 26.65
CA LYS C 12 9.78 19.29 26.80
C LYS C 12 9.12 19.12 25.41
N LEU C 13 7.85 18.75 25.39
CA LEU C 13 7.14 18.52 24.12
C LEU C 13 5.72 19.06 24.17
N TYR C 14 5.26 19.54 23.03
CA TYR C 14 3.86 19.82 22.79
C TYR C 14 3.41 18.99 21.54
N MET C 15 2.24 18.35 21.63
CA MET C 15 1.62 17.59 20.54
C MET C 15 0.19 18.05 20.35
N GLU C 16 -0.23 18.17 19.11
CA GLU C 16 -1.65 18.21 18.85
C GLU C 16 -2.02 17.48 17.57
N GLY C 17 -3.28 17.02 17.52
CA GLY C 17 -3.92 16.76 16.24
C GLY C 17 -5.25 16.04 16.35
N THR C 18 -5.43 15.06 15.45
CA THR C 18 -6.68 14.41 15.21
C THR C 18 -6.47 12.94 14.85
N VAL C 19 -7.29 12.08 15.43
CA VAL C 19 -7.43 10.69 15.01
C VAL C 19 -8.95 10.38 14.79
N ASN C 20 -9.31 9.99 13.54
CA ASN C 20 -10.74 9.80 13.14
C ASN C 20 -11.61 10.94 13.67
N ASN C 21 -11.35 12.18 13.28
CA ASN C 21 -12.09 13.36 13.79
C ASN C 21 -12.17 13.65 15.31
N HIS C 22 -11.43 12.97 16.17
CA HIS C 22 -11.29 13.40 17.59
C HIS C 22 -10.04 14.28 17.67
N HIS C 23 -10.19 15.53 18.09
CA HIS C 23 -9.06 16.45 18.25
C HIS C 23 -8.52 16.28 19.66
N PHE C 24 -7.22 16.55 19.84
CA PHE C 24 -6.56 16.37 21.16
C PHE C 24 -5.28 17.15 21.22
N LYS C 25 -4.82 17.30 22.45
CA LYS C 25 -3.55 17.91 22.74
C LYS C 25 -2.87 17.18 23.86
N CYS C 26 -1.54 17.20 23.82
CA CYS C 26 -0.71 16.54 24.80
C CYS C 26 0.47 17.41 25.11
N THR C 27 0.97 17.29 26.34
CA THR C 27 2.27 17.89 26.69
C THR C 27 3.05 16.79 27.34
N SER C 28 4.37 16.95 27.31
CA SER C 28 5.25 16.06 28.05
C SER C 28 6.56 16.69 28.49
N GLU C 29 7.16 16.05 29.50
CA GLU C 29 8.51 16.45 29.90
C GLU C 29 9.26 15.22 30.22
N GLY C 30 10.57 15.29 30.14
CA GLY C 30 11.32 14.13 30.58
C GLY C 30 12.79 14.29 30.52
N GLU C 31 13.52 13.19 30.59
CA GLU C 31 14.97 13.28 30.50
C GLU C 31 15.57 11.97 30.05
N GLY C 32 16.83 12.04 29.71
CA GLY C 32 17.54 10.87 29.31
C GLY C 32 19.04 11.03 29.14
N LYS C 33 19.66 9.94 28.73
CA LYS C 33 21.03 9.88 28.47
C LYS C 33 21.29 9.67 26.97
N PRO C 34 21.53 10.76 26.23
CA PRO C 34 21.62 10.69 24.78
C PRO C 34 22.59 9.68 24.24
N TYR C 35 23.73 9.49 24.90
CA TYR C 35 24.80 8.65 24.34
C TYR C 35 24.62 7.21 24.74
N GLU C 36 23.86 6.94 25.79
CA GLU C 36 23.50 5.60 26.23
C GLU C 36 22.20 5.10 25.60
N GLY C 37 21.47 5.97 24.91
CA GLY C 37 20.28 5.51 24.18
C GLY C 37 19.01 5.35 25.01
N THR C 38 18.97 5.96 26.20
CA THR C 38 17.86 5.72 27.13
C THR C 38 17.16 7.04 27.42
N GLN C 39 15.88 6.97 27.73
CA GLN C 39 15.14 8.22 28.01
C GLN C 39 13.77 7.89 28.59
N THR C 40 13.23 8.86 29.34
CA THR C 40 11.94 8.74 30.00
C THR C 40 11.14 9.97 29.68
N MET C 41 9.85 9.75 29.41
CA MET C 41 8.92 10.78 29.09
C MET C 41 7.62 10.59 29.89
N ARG C 42 7.15 11.69 30.45
CA ARG C 42 5.96 11.73 31.29
C ARG C 42 5.00 12.61 30.56
N ILE C 43 3.85 12.05 30.23
CA ILE C 43 2.95 12.66 29.23
C ILE C 43 1.52 12.90 29.81
N LYS C 44 1.01 14.08 29.54
CA LYS C 44 -0.39 14.43 29.90
C LYS C 44 -1.21 14.75 28.64
N VAL C 45 -2.37 14.10 28.57
CA VAL C 45 -3.38 14.49 27.60
C VAL C 45 -4.09 15.74 28.16
N VAL C 46 -3.81 16.91 27.62
CA VAL C 46 -4.33 18.15 28.20
C VAL C 46 -5.61 18.65 27.57
N GLU C 47 -5.98 18.10 26.43
CA GLU C 47 -7.25 18.47 25.77
C GLU C 47 -7.74 17.26 24.94
N GLY C 48 -9.03 16.89 25.08
CA GLY C 48 -9.65 15.76 24.37
C GLY C 48 -9.64 14.44 25.10
N GLY C 49 -9.15 14.45 26.35
CA GLY C 49 -9.11 13.25 27.18
C GLY C 49 -10.46 12.91 27.81
N PRO C 50 -10.75 11.67 28.18
CA PRO C 50 -9.98 10.51 27.78
C PRO C 50 -10.16 10.26 26.27
N LEU C 51 -9.11 9.77 25.61
CA LEU C 51 -9.13 9.64 24.17
C LEU C 51 -9.95 8.39 23.83
N PRO C 52 -10.67 8.41 22.69
CA PRO C 52 -11.41 7.25 22.32
C PRO C 52 -10.58 6.15 21.61
N PHE C 53 -9.26 6.30 21.59
CA PHE C 53 -8.38 5.45 20.77
C PHE C 53 -7.16 5.11 21.66
N ALA C 54 -6.61 3.94 21.39
CA ALA C 54 -5.47 3.42 22.12
C ALA C 54 -4.30 4.41 22.07
N PHE C 55 -3.79 4.81 23.25
CA PHE C 55 -2.64 5.74 23.33
C PHE C 55 -1.41 5.11 22.66
N ASP C 56 -1.36 3.79 22.59
CA ASP C 56 -0.30 3.09 21.88
C ASP C 56 -0.01 3.70 20.51
N ILE C 57 -1.01 4.23 19.80
CA ILE C 57 -0.76 4.71 18.46
C ILE C 57 0.01 6.01 18.39
N LEU C 58 0.09 6.75 19.52
CA LEU C 58 0.84 7.97 19.63
C LEU C 58 2.27 7.80 20.22
N ALA C 59 2.58 6.62 20.72
CA ALA C 59 3.77 6.39 21.57
C ALA C 59 5.01 6.67 20.77
N THR C 60 5.03 6.32 19.49
CA THR C 60 6.26 6.48 18.71
C THR C 60 6.44 7.93 18.26
N SER C 61 5.47 8.78 18.47
CA SER C 61 5.61 10.19 18.15
C SER C 61 6.16 11.08 19.29
N PHE C 62 6.32 10.56 20.50
CA PHE C 62 6.89 11.34 21.62
C PHE C 62 8.42 11.23 21.64
N1 NRQ C 63 9.28 10.53 21.10
N1 NRQ C 63 8.91 10.14 21.13
CE NRQ C 63 10.60 8.30 26.02
CE NRQ C 63 10.53 7.72 26.06
SD NRQ C 63 9.34 8.34 24.80
SD NRQ C 63 9.67 7.08 24.67
CG1 NRQ C 63 10.16 8.61 23.28
CG1 NRQ C 63 10.08 8.14 23.30
CB1 NRQ C 63 9.04 8.45 22.24
CB1 NRQ C 63 9.06 7.93 22.17
CA1 NRQ C 63 9.33 9.29 21.01
CA1 NRQ C 63 9.23 8.91 20.99
C1 NRQ C 63 9.69 8.58 19.76
C1 NRQ C 63 9.77 8.38 19.67
N2 NRQ C 63 9.68 7.20 19.78
N2 NRQ C 63 10.01 7.03 19.35
OH NRQ C 63 11.75 2.22 14.15
OH NRQ C 63 9.85 0.66 18.87
CD2 NRQ C 63 10.53 3.20 17.41
CD2 NRQ C 63 10.70 3.45 16.70
CE2 NRQ C 63 10.95 2.40 16.36
CE2 NRQ C 63 10.42 2.15 17.09
CZ NRQ C 63 11.36 3.00 15.17
CZ NRQ C 63 10.11 1.89 18.42
CE1 NRQ C 63 11.35 4.37 14.99
CE1 NRQ C 63 10.12 2.89 19.35
CD1 NRQ C 63 10.93 5.16 16.04
CD1 NRQ C 63 10.38 4.19 18.97
CG2 NRQ C 63 10.52 4.58 17.25
CG2 NRQ C 63 10.68 4.46 17.65
CB2 NRQ C 63 10.08 5.33 18.42
CB2 NRQ C 63 10.91 5.85 17.23
CA2 NRQ C 63 10.05 6.79 18.57
CA2 NRQ C 63 10.51 7.01 18.06
C2 NRQ C 63 10.36 8.00 17.78
C2 NRQ C 63 10.54 8.41 17.62
O2 NRQ C 63 10.72 8.09 16.52
O2 NRQ C 63 10.91 8.84 16.44
N3 NRQ C 63 10.12 9.07 18.55
N3 NRQ C 63 10.10 9.18 18.61
CA3 NRQ C 63 10.27 10.45 18.04
CA3 NRQ C 63 10.01 10.61 18.40
C3 NRQ C 63 11.44 11.28 18.59
C3 NRQ C 63 11.27 11.38 18.80
O3 NRQ C 63 11.34 12.52 18.30
O3 NRQ C 63 11.26 12.58 18.39
N SER C 64 12.16 10.81 19.55
CA SER C 64 13.16 11.57 20.35
C SER C 64 14.56 11.01 19.91
N ARG C 65 14.92 11.39 18.70
CA ARG C 65 16.00 10.72 17.97
C ARG C 65 17.43 11.09 18.46
N THR C 66 17.53 12.15 19.25
CA THR C 66 18.77 12.56 19.89
C THR C 66 19.30 11.47 20.89
N PHE C 67 18.40 10.58 21.35
CA PHE C 67 18.67 9.58 22.33
C PHE C 67 18.86 8.18 21.72
N ILE C 68 19.77 8.11 20.76
CA ILE C 68 20.15 6.87 20.21
C ILE C 68 21.61 6.67 20.52
N ASN C 69 21.93 5.56 21.15
CA ASN C 69 23.33 5.19 21.36
C ASN C 69 23.92 4.72 19.99
N HIS C 70 24.74 5.55 19.39
CA HIS C 70 25.44 5.16 18.15
C HIS C 70 26.74 4.39 18.43
N THR C 71 26.68 3.09 18.27
CA THR C 71 27.83 2.22 18.49
C THR C 71 28.66 2.15 17.24
N GLN C 72 29.85 1.51 17.32
CA GLN C 72 30.71 1.23 16.14
C GLN C 72 31.19 2.42 15.29
N GLY C 73 31.13 3.59 15.84
CA GLY C 73 31.57 4.82 15.12
C GLY C 73 30.55 5.36 14.12
N ILE C 74 29.31 4.88 14.16
CA ILE C 74 28.32 5.38 13.18
C ILE C 74 28.11 6.86 13.40
N PRO C 75 28.33 7.68 12.37
CA PRO C 75 28.07 9.09 12.42
C PRO C 75 26.58 9.33 12.79
N ASP C 76 26.37 10.24 13.71
CA ASP C 76 25.08 10.43 14.38
C ASP C 76 24.50 11.70 13.75
N PHE C 77 23.59 11.48 12.79
CA PHE C 77 22.95 12.57 12.02
C PHE C 77 22.18 13.50 12.94
N PHE C 78 21.58 12.96 13.98
CA PHE C 78 20.75 13.72 14.87
C PHE C 78 21.55 14.63 15.80
N LYS C 79 22.50 14.07 16.53
CA LYS C 79 23.36 14.91 17.40
C LYS C 79 24.22 15.93 16.60
N GLN C 80 24.63 15.62 15.38
CA GLN C 80 25.41 16.52 14.57
C GLN C 80 24.58 17.70 14.09
N SER C 81 23.26 17.58 14.10
CA SER C 81 22.40 18.64 13.59
C SER C 81 22.33 19.90 14.49
N PHE C 82 22.73 19.80 15.74
CA PHE C 82 22.63 20.95 16.64
C PHE C 82 23.80 21.93 16.40
N PRO C 83 23.61 23.24 16.67
CA PRO C 83 22.44 23.81 17.31
C PRO C 83 21.18 23.98 16.43
N GLU C 84 21.28 23.84 15.10
CA GLU C 84 20.15 24.15 14.19
C GLU C 84 18.93 23.24 14.41
N GLY C 85 19.19 21.98 14.73
CA GLY C 85 18.17 20.96 14.97
C GLY C 85 17.74 20.26 13.68
N PHE C 86 16.60 19.58 13.75
CA PHE C 86 16.14 18.68 12.73
C PHE C 86 14.61 18.47 12.82
N THR C 87 14.07 17.88 11.74
CA THR C 87 12.67 17.53 11.69
C THR C 87 12.52 16.12 11.21
N TRP C 88 11.39 15.50 11.55
CA TRP C 88 11.01 14.24 10.95
C TRP C 88 9.56 14.23 10.52
N GLU C 89 9.28 13.36 9.57
CA GLU C 89 7.96 13.13 9.07
C GLU C 89 7.76 11.63 8.83
N ARG C 90 6.56 11.14 9.09
CA ARG C 90 6.33 9.74 9.16
C ARG C 90 4.89 9.40 8.75
N VAL C 91 4.75 8.27 8.04
CA VAL C 91 3.46 7.65 7.85
C VAL C 91 3.51 6.23 8.36
N THR C 92 2.56 5.94 9.24
CA THR C 92 2.41 4.63 9.81
C THR C 92 1.15 3.99 9.26
N THR C 93 1.28 2.82 8.62
CA THR C 93 0.17 2.09 8.00
C THR C 93 -0.15 0.80 8.75
N TYR C 94 -1.31 0.77 9.40
CA TYR C 94 -1.79 -0.43 10.15
C TYR C 94 -2.43 -1.44 9.19
N GLU C 95 -2.25 -2.75 9.40
CA GLU C 95 -2.73 -3.72 8.42
C GLU C 95 -4.27 -3.87 8.37
N ASP C 96 -5.01 -3.21 9.26
CA ASP C 96 -6.49 -3.10 9.21
C ASP C 96 -7.02 -1.74 8.74
N GLY C 97 -6.18 -0.92 8.18
CA GLY C 97 -6.66 0.27 7.50
C GLY C 97 -6.29 1.59 8.18
N GLY C 98 -5.97 1.56 9.47
CA GLY C 98 -5.61 2.84 10.06
C GLY C 98 -4.33 3.41 9.36
N VAL C 99 -4.30 4.74 9.21
CA VAL C 99 -3.14 5.49 8.70
C VAL C 99 -2.89 6.70 9.61
N LEU C 100 -1.68 6.80 10.14
CA LEU C 100 -1.33 7.94 10.95
C LEU C 100 -0.15 8.69 10.38
N THR C 101 -0.32 9.97 10.06
CA THR C 101 0.80 10.76 9.58
C THR C 101 1.22 11.62 10.77
N ALA C 102 2.54 11.80 10.91
CA ALA C 102 3.10 12.72 11.90
C ALA C 102 4.30 13.43 11.39
N THR C 103 4.43 14.70 11.84
CA THR C 103 5.54 15.62 11.54
C THR C 103 6.05 16.21 12.88
N GLN C 104 7.34 16.43 12.97
CA GLN C 104 7.97 16.85 14.20
C GLN C 104 9.07 17.84 13.92
N ASP C 105 9.12 18.85 14.79
CA ASP C 105 10.22 19.78 14.90
C ASP C 105 11.04 19.56 16.19
N THR C 106 12.35 19.40 16.04
CA THR C 106 13.25 19.24 17.17
C THR C 106 14.21 20.45 17.20
N SER C 107 14.23 21.18 18.33
CA SER C 107 15.11 22.34 18.48
C SER C 107 15.77 22.27 19.88
N LEU C 108 16.84 23.04 20.08
CA LEU C 108 17.59 23.10 21.35
C LEU C 108 17.54 24.56 21.88
N GLN C 109 17.00 24.78 23.06
CA GLN C 109 16.80 26.17 23.58
C GLN C 109 17.17 26.18 25.04
N ASP C 110 18.27 26.90 25.33
CA ASP C 110 18.82 27.05 26.68
C ASP C 110 19.10 25.72 27.25
N GLY C 111 19.73 24.88 26.45
CA GLY C 111 20.06 23.54 26.89
C GLY C 111 18.94 22.53 27.06
N CYS C 112 17.69 22.90 26.73
CA CYS C 112 16.57 22.00 26.72
C CYS C 112 16.20 21.61 25.25
N LEU C 113 16.01 20.29 25.04
CA LEU C 113 15.45 19.82 23.80
C LEU C 113 13.94 20.15 23.77
N ILE C 114 13.51 20.82 22.72
CA ILE C 114 12.11 21.18 22.52
C ILE C 114 11.47 20.46 21.26
N TYR C 115 10.42 19.71 21.51
CA TYR C 115 9.72 18.91 20.50
C TYR C 115 8.34 19.47 20.18
N ASN C 116 8.11 19.79 18.91
CA ASN C 116 6.76 20.19 18.48
C ASN C 116 6.22 19.17 17.42
N VAL C 117 5.18 18.46 17.78
CA VAL C 117 4.66 17.33 17.02
C VAL C 117 3.19 17.58 16.59
N LYS C 118 2.92 17.23 15.34
CA LYS C 118 1.55 17.27 14.79
C LYS C 118 1.22 15.86 14.26
N ILE C 119 -0.01 15.44 14.54
CA ILE C 119 -0.51 14.08 14.31
C ILE C 119 -1.81 14.17 13.50
N ARG C 120 -1.95 13.33 12.47
CA ARG C 120 -3.25 13.25 11.69
C ARG C 120 -3.49 11.78 11.33
N GLY C 121 -4.37 11.14 12.07
CA GLY C 121 -4.74 9.77 11.91
C GLY C 121 -6.11 9.61 11.29
N VAL C 122 -6.25 8.71 10.31
CA VAL C 122 -7.52 8.54 9.62
C VAL C 122 -7.80 7.09 9.45
N ASN C 123 -9.07 6.80 9.25
CA ASN C 123 -9.54 5.47 8.79
C ASN C 123 -9.24 4.33 9.72
N PHE C 124 -9.14 4.59 11.01
CA PHE C 124 -8.98 3.52 12.02
C PHE C 124 -10.37 2.88 12.15
N PRO C 125 -10.49 1.56 11.98
CA PRO C 125 -11.81 0.95 11.94
C PRO C 125 -12.46 0.95 13.32
N SER C 126 -13.74 1.35 13.39
CA SER C 126 -14.36 1.53 14.74
C SER C 126 -14.44 0.25 15.55
N ASN C 127 -14.50 -0.89 14.87
N ASN C 127 -14.51 -0.93 14.95
CA ASN C 127 -14.50 -2.21 15.49
CA ASN C 127 -14.48 -2.17 15.77
C ASN C 127 -13.11 -2.75 15.87
C ASN C 127 -13.08 -2.81 15.81
N GLY C 128 -12.04 -2.04 15.48
CA GLY C 128 -10.66 -2.57 15.58
C GLY C 128 -10.08 -2.34 16.94
N PRO C 129 -8.91 -2.93 17.20
CA PRO C 129 -8.35 -2.81 18.54
C PRO C 129 -7.95 -1.41 18.99
N VAL C 130 -7.55 -0.57 18.07
CA VAL C 130 -7.16 0.77 18.40
C VAL C 130 -8.38 1.54 18.94
N MET C 131 -9.46 1.53 18.20
CA MET C 131 -10.60 2.42 18.55
C MET C 131 -11.37 1.81 19.74
N GLN C 132 -11.28 0.49 19.88
CA GLN C 132 -11.87 -0.23 21.04
C GLN C 132 -10.92 -0.28 22.25
N LYS C 133 -9.72 0.30 22.10
CA LYS C 133 -8.74 0.33 23.18
C LYS C 133 -8.47 -1.05 23.75
N LYS C 134 -8.18 -1.97 22.84
CA LYS C 134 -7.83 -3.34 23.21
C LYS C 134 -6.34 -3.65 22.87
N THR C 135 -5.44 -2.73 23.14
CA THR C 135 -4.02 -2.97 22.89
C THR C 135 -3.21 -3.03 24.17
N LEU C 136 -2.08 -3.70 24.12
CA LEU C 136 -1.19 -3.93 25.27
C LEU C 136 0.32 -3.61 24.97
N GLY C 137 0.58 -2.50 24.31
CA GLY C 137 1.97 -2.08 24.07
C GLY C 137 2.64 -2.75 22.89
N TRP C 138 3.86 -2.29 22.61
CA TRP C 138 4.62 -2.70 21.41
C TRP C 138 5.70 -3.71 21.67
N GLU C 139 5.96 -4.60 20.70
CA GLU C 139 7.09 -5.47 20.75
C GLU C 139 8.31 -4.58 20.46
N ALA C 140 9.48 -5.09 20.82
CA ALA C 140 10.76 -4.55 20.34
C ALA C 140 10.83 -4.58 18.80
N ASN C 141 11.65 -3.73 18.18
CA ASN C 141 11.78 -3.75 16.73
C ASN C 141 13.13 -3.20 16.27
N THR C 142 13.48 -3.54 15.05
CA THR C 142 14.72 -3.04 14.41
C THR C 142 14.33 -2.15 13.30
N GLU C 143 14.86 -0.95 13.25
CA GLU C 143 14.65 -0.01 12.19
C GLU C 143 15.90 0.01 11.29
N MET C 144 15.68 0.14 10.02
CA MET C 144 16.72 0.29 9.07
C MET C 144 16.78 1.72 8.68
N LEU C 145 17.97 2.33 8.72
CA LEU C 145 18.20 3.68 8.24
C LEU C 145 19.18 3.73 7.12
N TYR C 146 18.94 4.61 6.17
CA TYR C 146 19.78 4.74 4.94
C TYR C 146 19.68 6.18 4.42
N PRO C 147 20.79 6.70 3.87
CA PRO C 147 20.77 8.02 3.32
C PRO C 147 19.97 8.08 2.04
N ALA C 148 19.30 9.20 1.91
CA ALA C 148 18.52 9.47 0.71
C ALA C 148 18.36 10.99 0.60
N ASP C 149 18.96 11.54 -0.46
CA ASP C 149 18.81 12.97 -0.80
C ASP C 149 19.29 14.02 0.25
N GLY C 150 20.47 13.80 0.84
CA GLY C 150 20.95 14.60 1.95
C GLY C 150 20.18 14.36 3.27
N GLY C 151 19.16 13.49 3.25
CA GLY C 151 18.42 13.13 4.43
C GLY C 151 18.67 11.70 4.79
N LEU C 152 17.97 11.26 5.82
CA LEU C 152 17.95 9.89 6.25
C LEU C 152 16.52 9.41 6.14
N GLU C 153 16.34 8.22 5.61
CA GLU C 153 15.04 7.55 5.67
C GLU C 153 15.11 6.31 6.58
N GLY C 154 13.99 6.02 7.26
CA GLY C 154 13.86 4.83 8.07
C GLY C 154 12.68 3.98 7.68
N ARG C 155 12.84 2.67 7.81
CA ARG C 155 11.80 1.69 7.51
C ARG C 155 11.72 0.71 8.69
N THR C 156 10.52 0.44 9.20
CA THR C 156 10.38 -0.60 10.17
C THR C 156 8.98 -1.16 10.20
N ASP C 157 8.84 -2.40 10.65
CA ASP C 157 7.52 -3.01 10.98
C ASP C 157 7.43 -3.13 12.49
N MET C 158 6.27 -2.77 13.09
CA MET C 158 6.12 -2.86 14.56
C MET C 158 4.88 -3.73 14.84
N ALA C 159 4.98 -4.52 15.89
CA ALA C 159 3.88 -5.44 16.30
C ALA C 159 3.23 -4.93 17.57
N LEU C 160 1.93 -4.64 17.48
CA LEU C 160 1.17 -4.09 18.57
C LEU C 160 0.43 -5.27 19.25
N LYS C 161 0.69 -5.44 20.54
CA LYS C 161 0.11 -6.56 21.31
C LYS C 161 -1.36 -6.27 21.61
N LEU C 162 -2.19 -7.29 21.49
CA LEU C 162 -3.64 -7.20 21.49
C LEU C 162 -4.21 -7.95 22.74
N VAL C 163 -5.17 -7.32 23.41
CA VAL C 163 -5.96 -8.01 24.46
C VAL C 163 -6.48 -9.27 23.76
N GLY C 164 -6.23 -10.40 24.38
CA GLY C 164 -6.69 -11.71 23.91
C GLY C 164 -5.62 -12.47 23.15
N GLY C 165 -4.42 -11.90 23.07
CA GLY C 165 -3.33 -12.52 22.34
C GLY C 165 -3.30 -12.10 20.86
N GLY C 166 -2.15 -12.34 20.24
CA GLY C 166 -1.89 -11.97 18.83
C GLY C 166 -1.47 -10.51 18.74
N HIS C 167 -1.30 -10.02 17.51
CA HIS C 167 -0.74 -8.74 17.26
C HIS C 167 -1.42 -8.11 16.07
N LEU C 168 -1.43 -6.78 16.04
CA LEU C 168 -1.77 -6.00 14.84
C LEU C 168 -0.47 -5.39 14.36
N ILE C 169 -0.16 -5.55 13.08
CA ILE C 169 1.13 -5.13 12.53
C ILE C 169 0.98 -3.82 11.79
N CYS C 170 1.97 -2.95 11.91
CA CYS C 170 2.00 -1.75 11.15
C CYS C 170 3.38 -1.55 10.60
N ASN C 171 3.48 -0.68 9.63
CA ASN C 171 4.72 -0.40 8.94
C ASN C 171 4.90 1.08 8.97
N PHE C 172 6.12 1.51 9.19
CA PHE C 172 6.57 2.91 9.24
CA PHE C 172 6.31 2.89 8.91
C PHE C 172 7.48 3.29 8.07
N LYS C 173 7.25 4.42 7.40
CA LYS C 173 8.27 5.05 6.50
C LYS C 173 8.51 6.46 7.03
N THR C 174 9.75 6.76 7.43
CA THR C 174 10.14 8.03 8.01
C THR C 174 11.17 8.74 7.17
N THR C 175 11.12 10.06 7.12
CA THR C 175 12.18 10.90 6.48
C THR C 175 12.67 11.87 7.55
N TYR C 176 13.99 11.84 7.83
CA TYR C 176 14.65 12.74 8.76
C TYR C 176 15.42 13.76 7.98
N ARG C 177 15.15 15.00 8.29
CA ARG C 177 15.79 16.15 7.58
C ARG C 177 16.51 17.05 8.63
N SER C 178 17.80 17.25 8.42
CA SER C 178 18.63 18.10 9.26
C SER C 178 18.45 19.55 8.81
N LYS C 179 18.34 20.46 9.78
CA LYS C 179 18.47 21.92 9.50
C LYS C 179 19.87 22.42 9.23
N LYS C 180 20.85 21.56 9.47
CA LYS C 180 22.23 21.94 9.29
C LYS C 180 22.55 21.77 7.83
N PRO C 181 23.34 22.70 7.24
CA PRO C 181 23.66 22.50 5.83
C PRO C 181 24.51 21.22 5.62
N ALA C 182 24.23 20.52 4.54
CA ALA C 182 24.87 19.22 4.22
C ALA C 182 26.39 19.30 4.29
N LYS C 183 26.90 20.43 3.82
CA LYS C 183 28.28 20.86 3.96
C LYS C 183 28.87 20.46 5.32
N ASN C 184 28.15 20.69 6.41
CA ASN C 184 28.67 20.49 7.74
C ASN C 184 28.25 19.15 8.37
N LEU C 185 27.75 18.17 7.60
CA LEU C 185 27.26 16.88 8.17
C LEU C 185 28.01 15.74 7.59
N LYS C 186 28.48 14.84 8.44
CA LYS C 186 29.15 13.58 8.02
C LYS C 186 28.00 12.53 8.05
N MET C 187 27.67 12.01 6.88
CA MET C 187 26.50 11.13 6.71
C MET C 187 26.91 9.72 7.01
N PRO C 188 26.01 8.92 7.66
CA PRO C 188 26.33 7.53 7.83
C PRO C 188 25.96 6.83 6.55
N GLY C 189 26.35 5.58 6.44
CA GLY C 189 25.82 4.73 5.37
C GLY C 189 24.59 4.05 5.93
N VAL C 190 24.29 2.84 5.41
CA VAL C 190 23.18 2.04 5.95
C VAL C 190 23.48 1.57 7.38
N TYR C 191 22.49 1.65 8.28
CA TYR C 191 22.67 1.05 9.57
C TYR C 191 21.33 0.66 10.19
N TYR C 192 21.37 0.17 11.44
CA TYR C 192 20.19 -0.44 12.08
C TYR C 192 20.06 0.13 13.47
N VAL C 193 18.85 0.36 13.90
CA VAL C 193 18.57 0.76 15.27
C VAL C 193 17.65 -0.27 15.90
N ASP C 194 18.08 -0.91 16.99
CA ASP C 194 17.21 -1.74 17.80
C ASP C 194 16.52 -0.86 18.86
N HIS C 195 15.21 -1.02 19.01
CA HIS C 195 14.39 -0.20 19.87
C HIS C 195 13.61 -1.10 20.82
N ARG C 196 13.40 -0.61 22.03
CA ARG C 196 12.42 -1.25 22.90
C ARG C 196 11.69 -0.15 23.62
N LEU C 197 10.46 0.13 23.18
CA LEU C 197 9.64 1.20 23.78
C LEU C 197 8.61 0.55 24.71
N GLU C 198 8.59 0.97 25.97
CA GLU C 198 7.81 0.31 27.04
C GLU C 198 6.94 1.31 27.77
N ARG C 199 5.70 0.93 28.08
CA ARG C 199 4.87 1.77 28.95
C ARG C 199 5.20 1.39 30.38
N ILE C 200 5.63 2.38 31.15
CA ILE C 200 6.05 2.16 32.53
C ILE C 200 4.89 2.33 33.52
N LYS C 201 4.05 3.34 33.27
CA LYS C 201 2.94 3.68 34.18
C LYS C 201 1.85 4.37 33.37
N GLU C 202 0.61 4.30 33.86
CA GLU C 202 -0.46 5.13 33.34
C GLU C 202 -1.50 5.36 34.43
N ALA C 203 -2.41 6.28 34.17
CA ALA C 203 -3.45 6.63 35.13
C ALA C 203 -4.54 7.39 34.41
N ASP C 204 -5.78 7.26 34.93
CA ASP C 204 -6.90 8.11 34.50
C ASP C 204 -7.22 7.89 33.04
N LYS C 205 -7.41 6.60 32.69
CA LYS C 205 -7.74 6.15 31.37
C LYS C 205 -6.76 6.70 30.32
N GLU C 206 -5.46 6.45 30.52
CA GLU C 206 -4.38 6.88 29.59
C GLU C 206 -4.31 8.37 29.37
N THR C 207 -4.80 9.18 30.32
CA THR C 207 -4.62 10.62 30.17
C THR C 207 -3.32 11.02 30.84
N TYR C 208 -2.78 10.11 31.65
CA TYR C 208 -1.39 10.20 32.15
C TYR C 208 -0.60 8.99 31.74
N VAL C 209 0.56 9.20 31.10
CA VAL C 209 1.38 8.04 30.67
C VAL C 209 2.85 8.40 30.72
N GLU C 210 3.58 7.42 31.21
CA GLU C 210 4.99 7.43 31.34
C GLU C 210 5.53 6.27 30.49
N GLN C 211 6.47 6.64 29.64
CA GLN C 211 7.12 5.78 28.65
C GLN C 211 8.62 5.82 28.82
N HIS C 212 9.24 4.71 28.52
CA HIS C 212 10.69 4.61 28.47
C HIS C 212 11.10 3.99 27.11
N GLU C 213 12.24 4.43 26.58
CA GLU C 213 12.77 3.83 25.36
C GLU C 213 14.25 3.60 25.49
N VAL C 214 14.71 2.47 24.96
CA VAL C 214 16.13 2.22 24.77
C VAL C 214 16.31 2.05 23.28
N ALA C 215 17.36 2.66 22.70
CA ALA C 215 17.59 2.63 21.27
C ALA C 215 19.09 2.58 21.01
N VAL C 216 19.51 1.56 20.30
CA VAL C 216 20.96 1.32 20.10
C VAL C 216 21.20 1.05 18.63
N ALA C 217 22.02 1.90 18.01
CA ALA C 217 22.43 1.75 16.59
C ALA C 217 23.68 0.91 16.39
N ARG C 218 23.63 0.09 15.36
CA ARG C 218 24.68 -0.83 15.02
C ARG C 218 24.70 -1.03 13.52
N TYR C 219 25.82 -1.61 13.03
CA TYR C 219 25.88 -2.28 11.74
C TYR C 219 25.41 -3.68 11.90
N CYS C 220 25.39 -4.45 10.86
CA CYS C 220 25.11 -5.88 11.00
C CYS C 220 26.36 -6.66 11.34
N ASP C 221 26.30 -7.46 12.39
CA ASP C 221 27.49 -8.18 13.00
C ASP C 221 27.64 -9.62 12.44
N LEU C 222 26.69 -10.06 11.62
CA LEU C 222 26.82 -11.29 10.88
C LEU C 222 28.08 -11.28 10.01
N PRO C 223 28.80 -12.42 9.98
CA PRO C 223 29.91 -12.55 9.06
C PRO C 223 29.48 -12.38 7.60
N SER C 224 30.40 -11.88 6.81
CA SER C 224 30.20 -11.65 5.42
C SER C 224 31.11 -12.63 4.63
N LYS C 225 30.67 -13.07 3.46
CA LYS C 225 31.57 -13.82 2.53
C LYS C 225 32.31 -12.93 1.56
N LEU C 226 31.92 -11.66 1.45
CA LEU C 226 32.60 -10.73 0.56
C LEU C 226 33.64 -9.92 1.35
N LEU D 4 16.87 -36.01 11.92
CA LEU D 4 16.24 -35.86 10.56
C LEU D 4 16.86 -34.74 9.76
N ILE D 5 17.00 -33.59 10.43
CA ILE D 5 17.77 -32.50 9.90
C ILE D 5 19.17 -32.60 10.48
N LYS D 6 20.13 -32.95 9.63
CA LYS D 6 21.46 -33.30 10.12
C LYS D 6 22.36 -32.05 10.20
N GLU D 7 23.60 -32.19 10.65
CA GLU D 7 24.54 -31.05 10.74
C GLU D 7 24.92 -30.53 9.36
N ASN D 8 24.96 -31.44 8.38
CA ASN D 8 25.15 -31.05 7.00
C ASN D 8 23.92 -31.55 6.27
N MET D 9 23.44 -30.73 5.32
CA MET D 9 22.27 -31.07 4.49
C MET D 9 22.44 -30.50 3.11
N HIS D 10 21.98 -31.26 2.11
CA HIS D 10 21.97 -30.78 0.69
C HIS D 10 20.55 -30.47 0.26
N MET D 11 20.49 -29.71 -0.82
CA MET D 11 19.18 -29.23 -1.27
C MET D 11 19.15 -29.23 -2.76
N LYS D 12 17.96 -29.52 -3.29
CA LYS D 12 17.66 -29.37 -4.71
C LYS D 12 16.37 -28.49 -4.91
N LEU D 13 16.39 -27.63 -5.94
CA LEU D 13 15.27 -26.71 -6.25
C LEU D 13 14.88 -26.58 -7.71
N TYR D 14 13.56 -26.54 -7.92
CA TYR D 14 12.96 -26.12 -9.18
C TYR D 14 12.15 -24.83 -8.97
N MET D 15 12.31 -23.92 -9.92
CA MET D 15 11.59 -22.66 -9.94
C MET D 15 11.06 -22.39 -11.34
N GLU D 16 9.80 -21.93 -11.39
CA GLU D 16 9.25 -21.37 -12.64
C GLU D 16 8.39 -20.15 -12.37
N GLY D 17 8.26 -19.29 -13.36
CA GLY D 17 7.33 -18.18 -13.25
C GLY D 17 7.47 -17.14 -14.29
N THR D 18 6.95 -15.97 -13.95
CA THR D 18 6.83 -14.88 -14.84
C THR D 18 7.14 -13.57 -14.13
N VAL D 19 7.85 -12.70 -14.75
CA VAL D 19 7.94 -11.35 -14.30
C VAL D 19 7.58 -10.43 -15.43
N ASN D 20 6.59 -9.56 -15.16
CA ASN D 20 5.88 -8.74 -16.15
C ASN D 20 5.21 -9.72 -17.21
N ASN D 21 5.89 -9.87 -18.35
CA ASN D 21 5.39 -10.83 -19.32
C ASN D 21 6.52 -11.80 -19.71
N HIS D 22 7.57 -11.90 -18.87
CA HIS D 22 8.72 -12.74 -19.22
C HIS D 22 8.74 -14.05 -18.49
N HIS D 23 8.62 -15.15 -19.23
CA HIS D 23 8.52 -16.50 -18.63
C HIS D 23 9.92 -17.09 -18.42
N PHE D 24 10.09 -17.90 -17.38
CA PHE D 24 11.46 -18.35 -17.05
C PHE D 24 11.40 -19.51 -16.15
N LYS D 25 12.51 -20.26 -16.13
CA LYS D 25 12.69 -21.39 -15.22
C LYS D 25 14.16 -21.44 -14.74
N CYS D 26 14.32 -21.96 -13.53
CA CYS D 26 15.63 -22.06 -12.89
C CYS D 26 15.63 -23.33 -12.14
N THR D 27 16.87 -23.82 -11.89
CA THR D 27 17.11 -24.97 -11.03
C THR D 27 18.34 -24.66 -10.20
N SER D 28 18.41 -25.37 -9.07
CA SER D 28 19.57 -25.27 -8.24
C SER D 28 19.82 -26.43 -7.28
N GLU D 29 21.07 -26.39 -6.81
CA GLU D 29 21.55 -27.30 -5.80
C GLU D 29 22.57 -26.54 -4.93
N GLY D 30 22.62 -26.99 -3.69
CA GLY D 30 23.64 -26.52 -2.78
C GLY D 30 23.61 -27.37 -1.53
N GLU D 31 24.19 -26.81 -0.46
CA GLU D 31 24.33 -27.47 0.83
C GLU D 31 24.55 -26.41 1.89
N GLY D 32 24.33 -26.79 3.14
CA GLY D 32 24.71 -25.93 4.22
C GLY D 32 24.63 -26.60 5.55
N LYS D 33 24.74 -25.81 6.61
CA LYS D 33 24.72 -26.30 7.96
C LYS D 33 23.52 -25.75 8.70
N PRO D 34 22.49 -26.57 8.82
CA PRO D 34 21.22 -26.03 9.29
C PRO D 34 21.28 -25.40 10.67
N TYR D 35 22.16 -25.91 11.53
CA TYR D 35 22.23 -25.44 12.92
C TYR D 35 23.12 -24.25 13.08
N GLU D 36 24.03 -24.03 12.13
CA GLU D 36 24.87 -22.81 12.08
C GLU D 36 24.28 -21.66 11.19
N GLY D 37 23.13 -21.91 10.55
CA GLY D 37 22.42 -20.86 9.79
C GLY D 37 23.08 -20.45 8.52
N THR D 38 23.88 -21.32 7.92
CA THR D 38 24.60 -21.00 6.70
C THR D 38 24.26 -21.96 5.53
N GLN D 39 24.40 -21.46 4.31
CA GLN D 39 24.03 -22.25 3.12
C GLN D 39 24.51 -21.58 1.87
N THR D 40 24.77 -22.40 0.83
CA THR D 40 25.22 -21.92 -0.49
C THR D 40 24.29 -22.58 -1.49
N MET D 41 24.03 -21.89 -2.58
CA MET D 41 23.20 -22.45 -3.63
C MET D 41 23.83 -22.02 -4.93
N ARG D 42 23.90 -22.97 -5.87
CA ARG D 42 24.41 -22.67 -7.19
C ARG D 42 23.19 -22.87 -8.08
N ILE D 43 22.95 -21.85 -8.91
CA ILE D 43 21.66 -21.63 -9.52
C ILE D 43 21.86 -21.41 -11.01
N LYS D 44 21.02 -22.08 -11.80
CA LYS D 44 21.01 -21.97 -13.24
C LYS D 44 19.65 -21.52 -13.78
N VAL D 45 19.69 -20.53 -14.67
CA VAL D 45 18.55 -20.13 -15.49
C VAL D 45 18.48 -21.11 -16.71
N VAL D 46 17.51 -22.03 -16.69
CA VAL D 46 17.40 -23.09 -17.70
C VAL D 46 16.37 -22.86 -18.77
N GLU D 47 15.57 -21.80 -18.68
CA GLU D 47 14.65 -21.37 -19.75
C GLU D 47 14.35 -19.87 -19.57
N GLY D 48 14.36 -19.11 -20.67
CA GLY D 48 14.00 -17.70 -20.66
C GLY D 48 15.21 -16.81 -20.44
N GLY D 49 16.37 -17.44 -20.31
CA GLY D 49 17.64 -16.75 -20.10
C GLY D 49 18.09 -16.15 -21.41
N PRO D 50 18.84 -15.07 -21.41
CA PRO D 50 19.15 -14.27 -20.23
C PRO D 50 17.90 -13.49 -19.78
N LEU D 51 17.70 -13.36 -18.48
CA LEU D 51 16.51 -12.61 -17.95
C LEU D 51 16.64 -11.13 -18.30
N PRO D 52 15.54 -10.44 -18.73
CA PRO D 52 15.60 -8.96 -18.91
C PRO D 52 15.37 -8.11 -17.65
N PHE D 53 15.40 -8.76 -16.49
CA PHE D 53 15.30 -8.09 -15.19
C PHE D 53 16.40 -8.53 -14.25
N ALA D 54 16.75 -7.67 -13.29
CA ALA D 54 17.78 -8.05 -12.29
C ALA D 54 17.49 -9.38 -11.58
N PHE D 55 18.41 -10.36 -11.65
CA PHE D 55 18.25 -11.60 -10.87
C PHE D 55 17.98 -11.33 -9.35
N ASP D 56 18.42 -10.18 -8.82
CA ASP D 56 18.30 -9.87 -7.35
C ASP D 56 16.89 -10.04 -6.85
N ILE D 57 15.89 -9.76 -7.73
CA ILE D 57 14.47 -9.88 -7.31
C ILE D 57 14.02 -11.32 -7.04
N LEU D 58 14.80 -12.28 -7.49
CA LEU D 58 14.53 -13.68 -7.28
C LEU D 58 15.32 -14.30 -6.10
N ALA D 59 16.41 -13.62 -5.70
CA ALA D 59 17.41 -14.14 -4.72
C ALA D 59 16.80 -14.69 -3.49
N THR D 60 15.87 -13.94 -2.85
CA THR D 60 15.16 -14.39 -1.67
C THR D 60 14.19 -15.54 -1.86
N SER D 61 13.89 -15.92 -3.09
CA SER D 61 13.02 -17.08 -3.27
C SER D 61 13.77 -18.40 -3.37
N PHE D 62 15.12 -18.37 -3.40
CA PHE D 62 15.90 -19.65 -3.45
C PHE D 62 16.21 -20.18 -2.07
N1 NRQ D 63 15.76 -19.76 -0.97
N1 NRQ D 63 16.05 -19.37 -1.11
CE NRQ D 63 21.22 -18.57 -0.42
CE NRQ D 63 20.87 -20.01 -0.82
SD NRQ D 63 19.99 -19.24 -1.49
SD NRQ D 63 20.37 -18.42 -0.27
CG1 NRQ D 63 18.61 -18.35 -0.87
CG1 NRQ D 63 18.78 -18.74 0.37
CB1 NRQ D 63 17.85 -19.25 0.08
CB1 NRQ D 63 17.82 -17.90 -0.49
CA1 NRQ D 63 16.38 -19.03 -0.14
CA1 NRQ D 63 16.42 -18.42 -0.34
C1 NRQ D 63 15.74 -17.94 0.68
C1 NRQ D 63 15.52 -17.76 0.68
N2 NRQ D 63 16.41 -16.78 1.00
N2 NRQ D 63 15.80 -16.57 1.37
OH NRQ D 63 13.15 -11.67 5.86
OH NRQ D 63 17.96 -11.02 3.59
CD2 NRQ D 63 15.79 -12.79 3.66
CD2 NRQ D 63 14.93 -13.00 3.97
CE2 NRQ D 63 15.07 -12.02 4.55
CE2 NRQ D 63 15.81 -11.94 4.07
CZ NRQ D 63 13.82 -12.43 4.99
CZ NRQ D 63 17.07 -12.03 3.51
CE1 NRQ D 63 13.24 -13.61 4.51
CE1 NRQ D 63 17.45 -13.16 2.84
CD1 NRQ D 63 13.97 -14.37 3.61
CD1 NRQ D 63 16.58 -14.22 2.73
CG2 NRQ D 63 15.23 -13.96 3.19
CG2 NRQ D 63 15.35 -14.14 3.30
CB2 NRQ D 63 16.03 -14.74 2.24
CB2 NRQ D 63 14.43 -15.26 3.12
CA2 NRQ D 63 15.58 -16.05 1.74
CA2 NRQ D 63 14.71 -16.36 2.17
C2 NRQ D 63 14.35 -16.85 1.93
C2 NRQ D 63 13.80 -17.43 1.95
O2 NRQ D 63 13.28 -16.51 2.56
O2 NRQ D 63 12.67 -17.50 2.54
N3 NRQ D 63 14.50 -17.98 1.26
N3 NRQ D 63 14.32 -18.26 1.04
CA3 NRQ D 63 13.45 -19.01 1.18
CA3 NRQ D 63 13.62 -19.45 0.55
C3 NRQ D 63 13.95 -20.43 1.32
C3 NRQ D 63 13.77 -20.63 1.48
O3 NRQ D 63 13.20 -21.32 0.86
O3 NRQ D 63 12.71 -21.30 1.65
N SER D 64 14.88 -20.74 2.15
CA SER D 64 15.47 -22.04 2.58
C SER D 64 15.58 -21.93 4.10
N ARG D 65 14.41 -22.00 4.70
CA ARG D 65 14.18 -21.58 6.09
C ARG D 65 14.67 -22.61 7.14
N THR D 66 14.92 -23.82 6.68
CA THR D 66 15.55 -24.86 7.55
C THR D 66 16.98 -24.49 7.98
N PHE D 67 17.66 -23.62 7.22
CA PHE D 67 19.02 -23.19 7.56
C PHE D 67 19.04 -21.84 8.32
N ILE D 68 18.28 -21.78 9.37
CA ILE D 68 18.37 -20.67 10.27
C ILE D 68 18.84 -21.18 11.61
N ASN D 69 19.87 -20.55 12.15
CA ASN D 69 20.37 -20.92 13.46
C ASN D 69 19.42 -20.41 14.49
N HIS D 70 18.57 -21.27 15.00
CA HIS D 70 17.66 -20.85 16.08
C HIS D 70 18.34 -20.92 17.44
N THR D 71 18.82 -19.76 17.91
CA THR D 71 19.51 -19.59 19.18
C THR D 71 18.54 -19.43 20.33
N GLN D 72 19.15 -19.46 21.53
CA GLN D 72 18.50 -19.18 22.77
C GLN D 72 17.30 -20.11 23.01
N GLY D 73 17.34 -21.32 22.43
CA GLY D 73 16.20 -22.30 22.55
C GLY D 73 14.88 -21.91 21.85
N ILE D 74 14.89 -20.94 20.95
CA ILE D 74 13.64 -20.56 20.29
C ILE D 74 13.14 -21.82 19.55
N PRO D 75 11.90 -22.23 19.80
CA PRO D 75 11.32 -23.36 19.10
C PRO D 75 11.40 -23.08 17.61
N ASP D 76 11.96 -24.02 16.86
CA ASP D 76 12.27 -23.87 15.45
C ASP D 76 11.14 -24.54 14.62
N PHE D 77 10.14 -23.73 14.24
CA PHE D 77 8.97 -24.14 13.42
C PHE D 77 9.33 -24.94 12.16
N PHE D 78 10.46 -24.61 11.55
CA PHE D 78 10.87 -25.17 10.29
C PHE D 78 11.45 -26.56 10.48
N LYS D 79 12.49 -26.65 11.32
CA LYS D 79 13.09 -27.95 11.62
C LYS D 79 12.04 -28.92 12.26
N GLN D 80 11.16 -28.48 13.16
CA GLN D 80 10.09 -29.34 13.71
C GLN D 80 9.08 -29.85 12.69
N SER D 81 9.00 -29.21 11.52
CA SER D 81 8.01 -29.59 10.56
C SER D 81 8.32 -30.90 9.84
N PHE D 82 9.53 -31.45 9.97
CA PHE D 82 9.81 -32.68 9.28
C PHE D 82 9.24 -33.95 10.01
N PRO D 83 9.08 -35.09 9.32
CA PRO D 83 9.37 -35.25 7.87
C PRO D 83 8.30 -34.64 6.96
N GLU D 84 7.15 -34.21 7.48
CA GLU D 84 6.03 -33.71 6.64
C GLU D 84 6.43 -32.49 5.76
N GLY D 85 7.20 -31.56 6.33
CA GLY D 85 7.69 -30.39 5.60
C GLY D 85 6.76 -29.20 5.81
N PHE D 86 6.94 -28.19 4.96
CA PHE D 86 6.24 -26.90 5.17
C PHE D 86 6.22 -26.13 3.85
N THR D 87 5.32 -25.13 3.81
CA THR D 87 5.22 -24.18 2.68
C THR D 87 5.43 -22.72 3.15
N TRP D 88 5.73 -21.88 2.17
CA TRP D 88 5.63 -20.49 2.41
C TRP D 88 5.00 -19.77 1.20
N GLU D 89 4.40 -18.62 1.48
CA GLU D 89 3.87 -17.74 0.47
C GLU D 89 4.21 -16.26 0.91
N ARG D 90 4.53 -15.47 -0.07
CA ARG D 90 5.10 -14.14 0.13
C ARG D 90 4.61 -13.18 -0.94
N VAL D 91 4.47 -11.92 -0.54
CA VAL D 91 4.31 -10.82 -1.45
C VAL D 91 5.36 -9.75 -1.12
N THR D 92 6.14 -9.40 -2.12
CA THR D 92 7.16 -8.37 -2.03
C THR D 92 6.73 -7.15 -2.86
N THR D 93 6.61 -5.96 -2.23
CA THR D 93 6.12 -4.77 -2.89
C THR D 93 7.29 -3.84 -2.93
N TYR D 94 7.70 -3.42 -4.09
CA TYR D 94 8.76 -2.43 -4.26
C TYR D 94 8.20 -1.07 -4.24
N GLU D 95 8.93 -0.10 -3.71
CA GLU D 95 8.41 1.26 -3.64
C GLU D 95 8.24 2.00 -4.98
N ASP D 96 8.79 1.49 -6.08
CA ASP D 96 8.47 2.06 -7.40
C ASP D 96 7.40 1.27 -8.19
N GLY D 97 6.69 0.36 -7.56
CA GLY D 97 5.53 -0.28 -8.21
C GLY D 97 5.62 -1.77 -8.57
N GLY D 98 6.81 -2.32 -8.62
CA GLY D 98 6.90 -3.78 -8.80
C GLY D 98 6.30 -4.57 -7.66
N VAL D 99 5.57 -5.63 -8.00
CA VAL D 99 5.02 -6.49 -7.03
C VAL D 99 5.34 -7.92 -7.42
N LEU D 100 5.94 -8.66 -6.49
CA LEU D 100 6.29 -10.06 -6.74
C LEU D 100 5.74 -10.99 -5.67
N THR D 101 4.92 -11.98 -6.11
CA THR D 101 4.42 -13.00 -5.20
C THR D 101 5.13 -14.31 -5.49
N ALA D 102 5.21 -15.11 -4.47
CA ALA D 102 5.96 -16.33 -4.53
C ALA D 102 5.38 -17.28 -3.51
N THR D 103 5.28 -18.55 -3.94
CA THR D 103 4.80 -19.66 -3.12
C THR D 103 5.84 -20.76 -3.22
N GLN D 104 6.01 -21.50 -2.14
CA GLN D 104 7.08 -22.50 -2.08
C GLN D 104 6.64 -23.70 -1.30
N ASP D 105 7.07 -24.87 -1.78
CA ASP D 105 6.84 -26.12 -1.06
C ASP D 105 8.21 -26.68 -0.67
N THR D 106 8.35 -27.11 0.58
CA THR D 106 9.64 -27.67 1.05
C THR D 106 9.29 -29.06 1.55
N SER D 107 9.97 -30.03 1.00
CA SER D 107 9.81 -31.43 1.45
C SER D 107 11.21 -32.06 1.74
N LEU D 108 11.20 -33.21 2.41
CA LEU D 108 12.44 -33.96 2.71
C LEU D 108 12.27 -35.37 2.14
N GLN D 109 12.93 -35.64 1.01
CA GLN D 109 12.88 -36.93 0.32
C GLN D 109 14.24 -37.61 0.26
N ASP D 110 14.33 -38.78 0.93
CA ASP D 110 15.56 -39.61 0.99
C ASP D 110 16.74 -38.78 1.46
N GLY D 111 16.59 -38.14 2.61
CA GLY D 111 17.64 -37.26 3.16
C GLY D 111 17.97 -35.93 2.50
N CYS D 112 17.48 -35.62 1.30
CA CYS D 112 17.74 -34.35 0.64
C CYS D 112 16.48 -33.39 0.73
N LEU D 113 16.76 -32.10 0.97
CA LEU D 113 15.74 -31.05 1.07
C LEU D 113 15.29 -30.70 -0.35
N ILE D 114 13.97 -30.82 -0.61
CA ILE D 114 13.48 -30.54 -1.99
C ILE D 114 12.58 -29.30 -2.03
N TYR D 115 12.89 -28.40 -2.93
CA TYR D 115 12.18 -27.11 -2.98
C TYR D 115 11.46 -26.95 -4.32
N ASN D 116 10.17 -26.62 -4.24
CA ASN D 116 9.46 -26.24 -5.46
C ASN D 116 8.83 -24.84 -5.29
N VAL D 117 9.25 -23.89 -6.13
CA VAL D 117 8.91 -22.48 -5.99
C VAL D 117 8.19 -21.95 -7.23
N LYS D 118 7.20 -21.09 -7.03
CA LYS D 118 6.54 -20.45 -8.17
C LYS D 118 6.56 -18.93 -7.94
N ILE D 119 6.91 -18.18 -8.98
CA ILE D 119 7.12 -16.74 -8.94
C ILE D 119 6.11 -16.10 -9.87
N ARG D 120 5.47 -14.99 -9.47
CA ARG D 120 4.75 -14.14 -10.41
C ARG D 120 4.91 -12.69 -10.01
N GLY D 121 5.68 -11.97 -10.81
CA GLY D 121 5.93 -10.55 -10.63
C GLY D 121 5.26 -9.69 -11.71
N VAL D 122 4.74 -8.53 -11.33
CA VAL D 122 4.02 -7.67 -12.23
C VAL D 122 4.36 -6.23 -11.95
N ASN D 123 4.11 -5.40 -12.97
CA ASN D 123 4.13 -3.95 -12.82
C ASN D 123 5.53 -3.40 -12.50
N PHE D 124 6.59 -4.11 -12.86
CA PHE D 124 7.97 -3.57 -12.67
C PHE D 124 8.18 -2.44 -13.68
N PRO D 125 8.51 -1.24 -13.24
CA PRO D 125 8.53 -0.15 -14.21
C PRO D 125 9.68 -0.29 -15.23
N SER D 126 9.40 0.00 -16.50
CA SER D 126 10.40 -0.37 -17.56
C SER D 126 11.63 0.55 -17.42
N ASN D 127 11.45 1.76 -16.95
CA ASN D 127 12.63 2.59 -16.65
C ASN D 127 13.35 2.36 -15.28
N GLY D 128 12.85 1.50 -14.43
CA GLY D 128 13.51 1.37 -13.12
C GLY D 128 14.67 0.42 -13.09
N PRO D 129 15.31 0.33 -11.92
CA PRO D 129 16.54 -0.40 -11.89
C PRO D 129 16.44 -1.88 -12.04
N VAL D 130 15.30 -2.46 -11.67
CA VAL D 130 15.10 -3.88 -11.81
C VAL D 130 15.10 -4.23 -13.35
N MET D 131 14.24 -3.59 -14.12
CA MET D 131 14.09 -3.93 -15.54
C MET D 131 15.31 -3.42 -16.34
N GLN D 132 16.00 -2.38 -15.86
CA GLN D 132 17.32 -1.94 -16.44
C GLN D 132 18.56 -2.74 -16.01
N LYS D 133 18.41 -3.66 -15.07
CA LYS D 133 19.52 -4.51 -14.62
C LYS D 133 20.63 -3.67 -13.95
N LYS D 134 20.22 -2.64 -13.18
CA LYS D 134 21.11 -1.66 -12.52
C LYS D 134 21.07 -1.76 -10.97
N THR D 135 21.14 -2.98 -10.48
CA THR D 135 21.10 -3.33 -9.06
C THR D 135 22.36 -4.07 -8.70
N LEU D 136 22.76 -3.96 -7.43
CA LEU D 136 24.02 -4.51 -6.92
C LEU D 136 23.81 -5.31 -5.64
N GLY D 137 22.72 -6.03 -5.53
CA GLY D 137 22.53 -6.93 -4.38
C GLY D 137 21.95 -6.24 -3.12
N TRP D 138 21.64 -7.04 -2.13
CA TRP D 138 20.82 -6.61 -0.98
C TRP D 138 21.67 -6.23 0.19
N GLU D 139 21.22 -5.26 0.97
CA GLU D 139 21.82 -5.07 2.34
C GLU D 139 21.33 -6.15 3.23
N ALA D 140 22.01 -6.30 4.36
CA ALA D 140 21.53 -7.16 5.45
C ALA D 140 20.16 -6.65 5.96
N ASN D 141 19.43 -7.53 6.62
CA ASN D 141 18.12 -7.20 7.10
C ASN D 141 17.69 -8.05 8.27
N THR D 142 16.79 -7.49 9.06
CA THR D 142 16.26 -8.21 10.20
C THR D 142 14.79 -8.45 9.91
N GLU D 143 14.36 -9.66 10.06
CA GLU D 143 12.98 -10.06 9.86
C GLU D 143 12.35 -10.26 11.26
N MET D 144 11.12 -9.80 11.41
CA MET D 144 10.31 -10.07 12.57
C MET D 144 9.38 -11.24 12.24
N LEU D 145 9.37 -12.24 13.10
CA LEU D 145 8.43 -13.38 13.06
C LEU D 145 7.55 -13.48 14.30
N TYR D 146 6.27 -13.81 14.05
CA TYR D 146 5.26 -13.89 15.09
C TYR D 146 4.23 -14.97 14.71
N PRO D 147 3.70 -15.69 15.73
CA PRO D 147 2.65 -16.64 15.46
C PRO D 147 1.35 -15.98 15.00
N ALA D 148 0.62 -16.63 14.09
CA ALA D 148 -0.71 -16.17 13.61
C ALA D 148 -1.39 -17.37 12.96
N ASP D 149 -2.63 -17.68 13.32
CA ASP D 149 -3.49 -18.66 12.58
C ASP D 149 -2.97 -20.08 12.59
N GLY D 150 -2.23 -20.47 13.63
CA GLY D 150 -1.51 -21.72 13.63
C GLY D 150 -0.31 -21.80 12.69
N GLY D 151 0.04 -20.69 12.00
CA GLY D 151 1.34 -20.62 11.32
C GLY D 151 2.22 -19.52 11.87
N LEU D 152 3.25 -19.17 11.12
CA LEU D 152 4.08 -18.01 11.45
C LEU D 152 3.95 -17.01 10.34
N GLU D 153 3.99 -15.74 10.69
CA GLU D 153 4.08 -14.70 9.72
C GLU D 153 5.42 -13.96 9.89
N GLY D 154 5.91 -13.43 8.77
CA GLY D 154 7.17 -12.68 8.75
C GLY D 154 6.98 -11.31 8.14
N ARG D 155 7.67 -10.30 8.65
CA ARG D 155 7.66 -8.94 8.13
C ARG D 155 9.08 -8.45 8.07
N THR D 156 9.47 -7.95 6.90
CA THR D 156 10.76 -7.22 6.78
C THR D 156 10.75 -6.18 5.67
N ASP D 157 11.62 -5.20 5.80
CA ASP D 157 11.96 -4.30 4.68
C ASP D 157 13.36 -4.62 4.21
N MET D 158 13.58 -4.62 2.89
CA MET D 158 14.93 -4.90 2.37
C MET D 158 15.36 -3.77 1.44
N ALA D 159 16.66 -3.52 1.33
CA ALA D 159 17.19 -2.39 0.60
C ALA D 159 18.09 -2.93 -0.50
N LEU D 160 17.72 -2.59 -1.73
CA LEU D 160 18.34 -3.13 -2.94
C LEU D 160 19.32 -2.04 -3.40
N LYS D 161 20.61 -2.39 -3.38
CA LYS D 161 21.65 -1.44 -3.79
C LYS D 161 21.56 -1.12 -5.26
N LEU D 162 21.71 0.14 -5.66
CA LEU D 162 21.57 0.58 -7.05
C LEU D 162 22.96 0.99 -7.61
N VAL D 163 23.27 0.53 -8.81
CA VAL D 163 24.30 1.21 -9.64
C VAL D 163 24.18 2.71 -9.57
N GLY D 164 25.25 3.37 -9.19
CA GLY D 164 25.26 4.83 -9.05
C GLY D 164 24.87 5.33 -7.66
N GLY D 165 24.69 4.39 -6.72
CA GLY D 165 24.52 4.68 -5.30
C GLY D 165 23.06 4.67 -4.92
N GLY D 166 22.83 4.69 -3.64
CA GLY D 166 21.46 4.68 -3.13
C GLY D 166 20.80 3.32 -3.19
N HIS D 167 19.53 3.32 -2.82
CA HIS D 167 18.77 2.11 -2.70
C HIS D 167 17.35 2.24 -3.19
N LEU D 168 16.78 1.09 -3.52
CA LEU D 168 15.35 0.92 -3.79
C LEU D 168 14.84 0.02 -2.70
N ILE D 169 13.82 0.45 -1.97
CA ILE D 169 13.32 -0.32 -0.83
C ILE D 169 12.14 -1.21 -1.22
N CYS D 170 12.10 -2.40 -0.65
CA CYS D 170 10.90 -3.21 -0.73
C CYS D 170 10.49 -3.76 0.61
N ASN D 171 9.27 -4.22 0.66
CA ASN D 171 8.67 -4.66 1.90
C ASN D 171 8.16 -6.07 1.60
N PHE D 172 8.37 -7.03 2.49
CA PHE D 172 7.93 -8.44 2.40
CA PHE D 172 7.62 -8.24 2.26
C PHE D 172 6.87 -8.78 3.45
N LYS D 173 5.81 -9.48 3.09
CA LYS D 173 4.94 -10.13 4.05
C LYS D 173 4.91 -11.61 3.67
N THR D 174 5.26 -12.49 4.64
CA THR D 174 5.44 -13.91 4.40
C THR D 174 4.52 -14.67 5.33
N THR D 175 3.93 -15.73 4.79
CA THR D 175 3.17 -16.69 5.62
C THR D 175 3.83 -18.08 5.45
N TYR D 176 4.16 -18.67 6.61
CA TYR D 176 4.86 -19.94 6.72
C TYR D 176 3.83 -20.90 7.31
N ARG D 177 3.52 -21.98 6.58
CA ARG D 177 2.54 -22.96 7.07
C ARG D 177 3.22 -24.34 7.26
N SER D 178 3.00 -24.99 8.41
CA SER D 178 3.60 -26.32 8.67
C SER D 178 2.68 -27.40 8.12
N LYS D 179 3.22 -28.44 7.48
CA LYS D 179 2.39 -29.63 7.19
C LYS D 179 2.17 -30.62 8.32
N LYS D 180 2.72 -30.36 9.49
CA LYS D 180 2.52 -31.23 10.63
C LYS D 180 1.35 -30.65 11.45
N PRO D 181 0.49 -31.52 12.02
CA PRO D 181 -0.64 -30.94 12.77
C PRO D 181 -0.19 -30.11 13.97
N ALA D 182 -0.95 -29.05 14.26
CA ALA D 182 -0.75 -28.12 15.39
C ALA D 182 -0.32 -28.74 16.73
N LYS D 183 -0.96 -29.84 17.07
CA LYS D 183 -0.72 -30.48 18.33
C LYS D 183 0.66 -31.19 18.42
N ASN D 184 1.32 -31.52 17.29
CA ASN D 184 2.75 -32.00 17.34
C ASN D 184 3.84 -30.91 17.08
N LEU D 185 3.49 -29.63 17.33
CA LEU D 185 4.39 -28.47 17.09
C LEU D 185 4.43 -27.57 18.28
N LYS D 186 5.62 -27.29 18.81
CA LYS D 186 5.77 -26.23 19.82
C LYS D 186 5.96 -24.90 19.09
N MET D 187 5.11 -23.92 19.34
CA MET D 187 5.17 -22.65 18.59
C MET D 187 6.08 -21.71 19.26
N PRO D 188 6.88 -20.93 18.50
CA PRO D 188 7.64 -19.84 19.18
C PRO D 188 6.73 -18.69 19.52
N GLY D 189 7.21 -17.75 20.29
CA GLY D 189 6.51 -16.48 20.45
C GLY D 189 7.07 -15.56 19.38
N VAL D 190 7.07 -14.25 19.65
CA VAL D 190 7.68 -13.26 18.74
C VAL D 190 9.20 -13.49 18.73
N TYR D 191 9.83 -13.56 17.57
CA TYR D 191 11.29 -13.47 17.49
C TYR D 191 11.82 -12.78 16.20
N TYR D 192 13.15 -12.76 16.06
CA TYR D 192 13.81 -11.97 15.00
C TYR D 192 14.88 -12.80 14.34
N VAL D 193 15.00 -12.67 12.99
CA VAL D 193 16.04 -13.35 12.26
C VAL D 193 16.86 -12.28 11.63
N ASP D 194 18.13 -12.27 11.93
CA ASP D 194 19.08 -11.50 11.18
C ASP D 194 19.61 -12.22 9.95
N HIS D 195 19.62 -11.57 8.77
CA HIS D 195 19.99 -12.23 7.52
C HIS D 195 21.03 -11.43 6.83
N ARG D 196 21.94 -12.15 6.21
CA ARG D 196 22.86 -11.59 5.26
C ARG D 196 22.91 -12.46 3.99
N LEU D 197 22.27 -12.00 2.93
CA LEU D 197 22.22 -12.75 1.66
C LEU D 197 23.19 -12.07 0.70
N GLU D 198 24.19 -12.82 0.22
CA GLU D 198 25.18 -12.22 -0.69
C GLU D 198 25.38 -13.08 -1.95
N ARG D 199 25.72 -12.42 -3.04
CA ARG D 199 26.03 -13.15 -4.26
C ARG D 199 27.53 -13.39 -4.30
N ILE D 200 27.94 -14.66 -4.36
CA ILE D 200 29.34 -15.07 -4.39
C ILE D 200 29.89 -14.96 -5.80
N LYS D 201 29.15 -15.49 -6.80
CA LYS D 201 29.62 -15.57 -8.19
C LYS D 201 28.45 -15.49 -9.18
N GLU D 202 28.62 -14.74 -10.26
CA GLU D 202 27.76 -14.87 -11.45
C GLU D 202 28.51 -15.06 -12.77
N ALA D 203 27.79 -15.51 -13.80
CA ALA D 203 28.36 -15.66 -15.13
C ALA D 203 27.24 -15.63 -16.15
N ASP D 204 27.56 -15.12 -17.34
CA ASP D 204 26.74 -15.36 -18.57
C ASP D 204 25.37 -14.66 -18.49
N LYS D 205 25.43 -13.33 -18.39
CA LYS D 205 24.35 -12.45 -18.05
C LYS D 205 23.43 -13.02 -16.94
N GLU D 206 24.01 -13.38 -15.82
CA GLU D 206 23.27 -13.86 -14.66
C GLU D 206 22.57 -15.19 -14.88
N THR D 207 23.01 -16.04 -15.85
CA THR D 207 22.30 -17.31 -16.04
C THR D 207 22.84 -18.37 -15.15
N TYR D 208 23.97 -18.06 -14.52
CA TYR D 208 24.50 -18.93 -13.47
C TYR D 208 24.76 -18.00 -12.28
N VAL D 209 24.35 -18.41 -11.08
CA VAL D 209 24.47 -17.51 -9.92
C VAL D 209 24.79 -18.35 -8.75
N GLU D 210 25.82 -17.97 -7.98
CA GLU D 210 26.08 -18.59 -6.71
C GLU D 210 25.73 -17.57 -5.59
N GLN D 211 25.01 -18.07 -4.59
CA GLN D 211 24.46 -17.24 -3.48
C GLN D 211 24.82 -17.89 -2.19
N HIS D 212 25.08 -17.07 -1.18
CA HIS D 212 25.27 -17.58 0.15
C HIS D 212 24.37 -16.82 1.09
N GLU D 213 23.81 -17.47 2.10
CA GLU D 213 23.08 -16.79 3.16
C GLU D 213 23.54 -17.26 4.56
N VAL D 214 23.57 -16.31 5.49
CA VAL D 214 23.69 -16.62 6.91
C VAL D 214 22.48 -16.05 7.60
N ALA D 215 21.84 -16.86 8.38
CA ALA D 215 20.62 -16.48 9.07
C ALA D 215 20.70 -16.97 10.51
N VAL D 216 20.54 -16.01 11.43
CA VAL D 216 20.51 -16.30 12.84
C VAL D 216 19.29 -15.72 13.53
N ALA D 217 18.53 -16.59 14.19
CA ALA D 217 17.40 -16.21 14.99
C ALA D 217 17.75 -15.91 16.42
N ARG D 218 17.07 -14.92 16.97
CA ARG D 218 17.36 -14.44 18.31
C ARG D 218 16.11 -13.74 18.87
N TYR D 219 16.09 -13.58 20.18
CA TYR D 219 15.23 -12.61 20.83
C TYR D 219 15.85 -11.28 20.77
N CYS D 220 15.12 -10.28 21.27
CA CYS D 220 15.69 -8.93 21.45
C CYS D 220 16.46 -8.87 22.79
N ASP D 221 17.74 -8.57 22.74
N ASP D 221 17.76 -8.60 22.68
CA ASP D 221 18.52 -8.64 23.95
CA ASP D 221 18.71 -8.57 23.78
C ASP D 221 18.76 -7.26 24.59
C ASP D 221 18.58 -7.33 24.69
N LEU D 222 17.99 -6.24 24.17
CA LEU D 222 18.01 -4.94 24.88
C LEU D 222 17.43 -5.13 26.24
N PRO D 223 17.88 -4.33 27.23
CA PRO D 223 17.27 -4.46 28.55
C PRO D 223 15.84 -3.95 28.58
N SER D 224 15.09 -4.53 29.49
CA SER D 224 13.68 -4.26 29.64
C SER D 224 13.42 -3.67 31.01
N LYS D 225 12.56 -2.66 31.09
CA LYS D 225 12.03 -2.21 32.37
C LYS D 225 10.87 -3.08 32.93
N LEU D 226 10.37 -4.07 32.20
CA LEU D 226 9.21 -4.86 32.62
C LEU D 226 9.54 -6.33 32.55
C1 BME E . -14.80 10.39 -15.35
C2 BME E . -15.84 11.42 -14.87
O1 BME E . -15.23 9.05 -15.53
S2 BME E . -17.01 11.72 -16.20
S SO4 F . -12.35 14.12 -21.10
O1 SO4 F . -11.44 14.39 -22.22
O2 SO4 F . -12.53 12.65 -21.04
O3 SO4 F . -11.66 14.63 -19.91
O4 SO4 F . -13.63 14.82 -21.29
C1 BME G . -20.01 2.24 -12.47
C2 BME G . -20.16 1.65 -13.88
O1 BME G . -19.67 3.62 -12.53
S2 BME G . -21.68 2.24 -14.68
C1 BME H . 20.59 -6.42 9.99
C2 BME H . 21.02 -7.89 10.14
O1 BME H . 19.99 -5.96 11.20
S2 BME H . 22.46 -8.17 11.22
S SO4 I . 27.10 -4.14 7.51
O1 SO4 I . 26.39 -5.05 6.59
O2 SO4 I . 28.07 -5.07 8.11
O3 SO4 I . 27.72 -3.05 6.74
O4 SO4 I . 26.13 -3.51 8.42
C1 BME J . 14.48 -6.46 17.92
C2 BME J . 15.20 -5.30 18.58
O1 BME J . 15.14 -6.88 16.71
S2 BME J . 16.43 -5.93 19.79
#